data_7YV0
#
_entry.id   7YV0
#
_cell.length_a   162.306
_cell.length_b   98.273
_cell.length_c   59.224
_cell.angle_alpha   90.000
_cell.angle_beta   97.980
_cell.angle_gamma   90.000
#
_symmetry.space_group_name_H-M   'C 1 2 1'
#
loop_
_entity.id
_entity.type
_entity.pdbx_description
1 polymer Transglycosylse
2 non-polymer 'SULFATE ION'
3 water water
#
_entity_poly.entity_id   1
_entity_poly.type   'polypeptide(L)'
_entity_poly.pdbx_seq_one_letter_code
;MSGRDISTAVVVTTISDGGFLDRLAPALRDAGARLIVIPDRNTGPALFAACERHRRLGLDVVCPSVAEQQDLLERLAVPD
LIPYHSDNRRNVGYLMAWMEGFDVIVSMDDDNLPTTDDFVERHQVVCQGPRTQPVTASSDGWFNNCALLEVEPTEVFPRG
FPFHARPAHAQARTSVCERPADVRINAGLWLGDPDVDAITRLAVRPNALAHSGGSVVLAEGTWCPVNSQNTAVHRDALPA
YYFLRMGQPVDGVPMERFGDIFSGYFVQVCAQHLGHAVRFGDPVVEHPRNEHDLLDDLHKEVPAVRLLDDILDHLRDHPL
EGGDYLETYESLSYALQEIAERVNGRAWSPDARAFLHRSAHLMRSWTGALRTVAGT
;
_entity_poly.pdbx_strand_id   A,B
#
loop_
_chem_comp.id
_chem_comp.type
_chem_comp.name
_chem_comp.formula
SO4 non-polymer 'SULFATE ION' 'O4 S -2'
#
# COMPACT_ATOMS: atom_id res chain seq x y z
N ASP A 5 -10.61 -0.18 -10.25
CA ASP A 5 -10.17 -0.39 -11.63
C ASP A 5 -8.75 0.13 -11.89
N ILE A 6 -7.85 -0.79 -12.24
CA ILE A 6 -6.43 -0.49 -12.34
C ILE A 6 -6.14 0.25 -13.64
N SER A 7 -5.58 1.45 -13.54
CA SER A 7 -5.16 2.19 -14.71
C SER A 7 -3.69 1.89 -15.02
N THR A 8 -3.35 1.92 -16.30
CA THR A 8 -1.98 1.57 -16.69
C THR A 8 -1.54 2.48 -17.83
N ALA A 9 -0.31 2.98 -17.71
CA ALA A 9 0.33 3.71 -18.79
C ALA A 9 1.58 2.95 -19.22
N VAL A 10 1.70 2.70 -20.52
CA VAL A 10 2.91 2.14 -21.12
C VAL A 10 3.73 3.28 -21.66
N VAL A 11 5.03 3.30 -21.36
CA VAL A 11 5.89 4.41 -21.73
C VAL A 11 6.91 3.89 -22.73
N VAL A 12 7.10 4.64 -23.82
CA VAL A 12 7.99 4.25 -24.89
C VAL A 12 8.63 5.51 -25.46
N THR A 13 9.94 5.52 -25.58
CA THR A 13 10.66 6.59 -26.26
C THR A 13 11.17 6.06 -27.59
N THR A 14 11.05 6.88 -28.64
CA THR A 14 11.34 6.39 -29.98
C THR A 14 11.82 7.53 -30.87
N ILE A 15 12.55 7.14 -31.92
CA ILE A 15 12.93 8.04 -33.01
C ILE A 15 12.51 7.42 -34.34
N SER A 16 11.58 6.47 -34.27
CA SER A 16 11.15 5.70 -35.41
C SER A 16 10.11 6.44 -36.23
N ASP A 17 9.75 5.81 -37.35
CA ASP A 17 8.59 6.23 -38.10
C ASP A 17 7.32 6.14 -37.26
N GLY A 18 7.26 5.14 -36.37
CA GLY A 18 6.04 4.87 -35.62
C GLY A 18 5.41 3.54 -35.95
N GLY A 19 6.07 2.73 -36.78
CA GLY A 19 5.43 1.53 -37.30
C GLY A 19 5.11 0.49 -36.23
N PHE A 20 5.92 0.44 -35.16
CA PHE A 20 5.64 -0.46 -34.05
C PHE A 20 4.23 -0.29 -33.52
N LEU A 21 3.70 0.94 -33.58
CA LEU A 21 2.35 1.20 -33.10
C LEU A 21 1.33 0.24 -33.72
N ASP A 22 1.48 -0.04 -35.03
CA ASP A 22 0.49 -0.87 -35.73
C ASP A 22 0.36 -2.24 -35.09
N ARG A 23 1.48 -2.83 -34.64
CA ARG A 23 1.42 -4.12 -33.99
C ARG A 23 1.40 -4.03 -32.46
N LEU A 24 1.73 -2.86 -31.89
CA LEU A 24 1.64 -2.73 -30.44
C LEU A 24 0.21 -2.41 -30.01
N ALA A 25 -0.48 -1.59 -30.79
CA ALA A 25 -1.82 -1.09 -30.45
C ALA A 25 -2.83 -2.15 -30.04
N PRO A 26 -2.83 -3.37 -30.64
CA PRO A 26 -3.83 -4.37 -30.23
C PRO A 26 -3.91 -4.59 -28.73
N ALA A 27 -2.81 -5.03 -28.10
CA ALA A 27 -2.86 -5.41 -26.69
C ALA A 27 -3.28 -4.24 -25.81
N LEU A 28 -2.87 -3.04 -26.17
CA LEU A 28 -3.14 -1.87 -25.35
C LEU A 28 -4.50 -1.25 -25.63
N ARG A 29 -4.96 -1.30 -26.88
CA ARG A 29 -6.31 -0.82 -27.18
C ARG A 29 -7.34 -1.65 -26.42
N ASP A 30 -7.22 -2.97 -26.48
CA ASP A 30 -8.24 -3.82 -25.90
C ASP A 30 -8.28 -3.68 -24.39
N ALA A 31 -7.12 -3.59 -23.74
CA ALA A 31 -7.07 -3.45 -22.29
C ALA A 31 -7.26 -2.02 -21.82
N GLY A 32 -7.46 -1.07 -22.72
CA GLY A 32 -7.73 0.31 -22.34
C GLY A 32 -6.60 1.00 -21.62
N ALA A 33 -5.36 0.57 -21.84
CA ALA A 33 -4.19 1.23 -21.29
C ALA A 33 -3.87 2.50 -22.07
N ARG A 34 -3.11 3.39 -21.45
CA ARG A 34 -2.56 4.52 -22.16
C ARG A 34 -1.12 4.22 -22.60
N LEU A 35 -0.79 4.66 -23.81
CA LEU A 35 0.57 4.64 -24.32
C LEU A 35 1.09 6.07 -24.34
N ILE A 36 2.23 6.30 -23.71
CA ILE A 36 2.92 7.58 -23.75
C ILE A 36 4.16 7.36 -24.61
N VAL A 37 4.20 8.02 -25.76
CA VAL A 37 5.31 7.92 -26.70
C VAL A 37 6.10 9.21 -26.61
N ILE A 38 7.38 9.10 -26.23
CA ILE A 38 8.23 10.27 -25.97
C ILE A 38 9.20 10.47 -27.12
N PRO A 39 8.95 11.43 -28.01
CA PRO A 39 9.84 11.64 -29.15
C PRO A 39 11.03 12.51 -28.77
N ASP A 40 12.07 12.43 -29.61
CA ASP A 40 13.32 13.18 -29.47
C ASP A 40 13.41 14.26 -30.55
N ARG A 41 14.55 14.95 -30.59
CA ARG A 41 14.80 15.95 -31.63
C ARG A 41 14.73 15.34 -33.03
N ASN A 42 15.30 14.15 -33.22
CA ASN A 42 15.45 13.52 -34.52
C ASN A 42 14.22 12.74 -34.97
N THR A 43 13.08 12.88 -34.32
CA THR A 43 11.91 12.07 -34.65
C THR A 43 11.12 12.77 -35.74
N GLY A 44 11.15 12.21 -36.95
CA GLY A 44 10.40 12.74 -38.07
C GLY A 44 8.91 12.86 -37.81
N PRO A 45 8.22 13.65 -38.63
CA PRO A 45 6.77 13.87 -38.42
C PRO A 45 5.90 12.66 -38.70
N ALA A 46 6.49 11.56 -39.18
CA ALA A 46 5.73 10.33 -39.37
C ALA A 46 5.06 9.88 -38.07
N LEU A 47 5.84 9.78 -37.00
CA LEU A 47 5.32 9.26 -35.73
C LEU A 47 4.05 9.98 -35.29
N PHE A 48 4.08 11.31 -35.23
CA PHE A 48 2.92 12.06 -34.76
C PHE A 48 1.68 11.75 -35.59
N ALA A 49 1.85 11.56 -36.90
CA ALA A 49 0.71 11.15 -37.71
C ALA A 49 0.29 9.73 -37.34
N ALA A 50 1.24 8.82 -37.15
CA ALA A 50 0.89 7.50 -36.62
C ALA A 50 0.28 7.59 -35.24
N CYS A 51 0.67 8.61 -34.46
CA CYS A 51 0.10 8.82 -33.14
C CYS A 51 -1.39 9.18 -33.25
N GLU A 52 -1.75 10.18 -34.08
CA GLU A 52 -3.16 10.61 -34.18
C GLU A 52 -4.03 9.61 -34.96
N ARG A 53 -3.49 8.94 -35.97
CA ARG A 53 -4.23 7.88 -36.64
C ARG A 53 -4.68 6.82 -35.63
N HIS A 54 -3.73 6.28 -34.88
CA HIS A 54 -4.04 5.23 -33.93
C HIS A 54 -4.96 5.71 -32.80
N ARG A 55 -5.04 7.03 -32.57
CA ARG A 55 -5.80 7.54 -31.44
C ARG A 55 -7.29 7.34 -31.64
N ARG A 56 -7.84 7.71 -32.80
CA ARG A 56 -9.24 7.41 -33.06
C ARG A 56 -9.39 6.11 -33.84
N LEU A 57 -8.37 5.26 -33.83
CA LEU A 57 -8.65 3.84 -33.95
C LEU A 57 -9.06 3.23 -32.63
N GLY A 58 -9.23 4.05 -31.60
CA GLY A 58 -9.62 3.61 -30.26
C GLY A 58 -8.57 3.81 -29.19
N LEU A 59 -7.28 3.87 -29.56
CA LEU A 59 -6.18 3.83 -28.60
C LEU A 59 -5.95 5.18 -27.91
N ASP A 60 -5.74 5.13 -26.59
CA ASP A 60 -5.36 6.31 -25.83
C ASP A 60 -3.85 6.46 -25.88
N VAL A 61 -3.37 7.01 -27.00
CA VAL A 61 -1.96 7.31 -27.19
C VAL A 61 -1.77 8.82 -27.13
N VAL A 62 -0.72 9.26 -26.44
CA VAL A 62 -0.26 10.65 -26.45
C VAL A 62 1.23 10.66 -26.77
N CYS A 63 1.61 11.76 -27.43
CA CYS A 63 2.94 11.86 -28.08
C CYS A 63 3.42 13.32 -27.98
N PRO A 64 3.96 13.83 -26.86
CA PRO A 64 4.28 15.27 -26.73
C PRO A 64 5.53 15.65 -27.48
N SER A 65 5.43 16.74 -28.23
CA SER A 65 6.58 17.23 -28.97
C SER A 65 7.68 17.61 -28.00
N VAL A 66 8.89 17.73 -28.55
CA VAL A 66 9.98 18.19 -27.70
C VAL A 66 9.63 19.52 -27.06
N ALA A 67 8.87 20.36 -27.77
CA ALA A 67 8.50 21.67 -27.22
C ALA A 67 7.64 21.52 -25.97
N GLU A 68 6.64 20.65 -26.03
CA GLU A 68 5.81 20.40 -24.86
C GLU A 68 6.62 19.78 -23.74
N GLN A 69 7.48 18.81 -24.09
CA GLN A 69 8.38 18.23 -23.10
C GLN A 69 9.15 19.31 -22.36
N GLN A 70 9.75 20.26 -23.09
CA GLN A 70 10.57 21.24 -22.39
C GLN A 70 9.74 22.26 -21.61
N ASP A 71 8.50 22.53 -22.02
CA ASP A 71 7.65 23.38 -21.19
C ASP A 71 7.41 22.74 -19.84
N LEU A 72 6.99 21.47 -19.85
CA LEU A 72 6.76 20.75 -18.61
C LEU A 72 8.00 20.75 -17.74
N LEU A 73 9.15 20.43 -18.33
CA LEU A 73 10.36 20.25 -17.53
C LEU A 73 10.86 21.58 -16.95
N GLU A 74 10.66 22.68 -17.67
CA GLU A 74 11.01 23.97 -17.11
C GLU A 74 10.14 24.30 -15.91
N ARG A 75 8.83 24.01 -15.99
CA ARG A 75 7.93 24.32 -14.87
C ARG A 75 8.31 23.55 -13.61
N LEU A 76 8.77 22.32 -13.76
CA LEU A 76 9.25 21.54 -12.62
C LEU A 76 10.66 21.92 -12.22
N ALA A 77 11.18 23.04 -12.73
CA ALA A 77 12.52 23.53 -12.39
C ALA A 77 13.59 22.50 -12.73
N VAL A 78 13.33 21.63 -13.71
CA VAL A 78 14.36 20.69 -14.12
C VAL A 78 14.71 20.84 -15.60
N PRO A 79 15.00 22.05 -16.11
CA PRO A 79 15.20 22.17 -17.57
C PRO A 79 16.34 21.35 -18.11
N ASP A 80 17.38 21.06 -17.30
CA ASP A 80 18.56 20.40 -17.83
C ASP A 80 18.64 18.93 -17.44
N LEU A 81 17.65 18.41 -16.72
CA LEU A 81 17.78 17.06 -16.18
C LEU A 81 17.94 16.02 -17.30
N ILE A 82 17.09 16.07 -18.30
CA ILE A 82 16.90 14.98 -19.27
C ILE A 82 17.50 15.41 -20.61
N PRO A 83 18.55 14.75 -21.09
CA PRO A 83 19.20 15.17 -22.33
C PRO A 83 18.43 14.69 -23.56
N TYR A 84 18.69 15.37 -24.68
CA TYR A 84 18.13 15.01 -25.98
C TYR A 84 19.08 14.08 -26.71
N HIS A 85 18.62 13.54 -27.84
CA HIS A 85 19.40 12.53 -28.56
C HIS A 85 19.77 11.38 -27.64
N SER A 86 18.80 10.92 -26.87
CA SER A 86 19.08 9.86 -25.91
C SER A 86 17.79 9.20 -25.47
N ASP A 87 17.85 7.90 -25.29
CA ASP A 87 16.69 7.18 -24.78
C ASP A 87 16.47 7.43 -23.31
N ASN A 88 17.29 8.29 -22.68
CA ASN A 88 16.96 8.84 -21.38
C ASN A 88 15.61 9.56 -21.38
N ARG A 89 15.08 9.90 -22.55
CA ARG A 89 13.84 10.68 -22.58
C ARG A 89 12.65 9.87 -22.10
N ARG A 90 12.77 8.55 -22.05
CA ARG A 90 11.95 7.66 -21.23
C ARG A 90 11.44 8.33 -19.96
N ASN A 91 12.35 9.01 -19.26
CA ASN A 91 12.03 9.60 -17.96
C ASN A 91 10.86 10.55 -18.08
N VAL A 92 10.72 11.20 -19.24
CA VAL A 92 9.62 12.13 -19.43
C VAL A 92 8.30 11.40 -19.36
N GLY A 93 8.23 10.22 -19.98
CA GLY A 93 7.03 9.42 -19.85
C GLY A 93 6.77 8.99 -18.42
N TYR A 94 7.82 8.52 -17.73
CA TYR A 94 7.69 8.15 -16.32
C TYR A 94 7.00 9.26 -15.54
N LEU A 95 7.55 10.47 -15.64
CA LEU A 95 6.99 11.61 -14.91
C LEU A 95 5.54 11.85 -15.30
N MET A 96 5.26 11.92 -16.61
CA MET A 96 3.91 12.20 -17.07
C MET A 96 2.94 11.17 -16.51
N ALA A 97 3.29 9.89 -16.59
CA ALA A 97 2.45 8.84 -16.03
C ALA A 97 2.20 9.09 -14.55
N TRP A 98 3.23 9.52 -13.84
CA TRP A 98 3.11 9.73 -12.39
C TRP A 98 2.29 10.96 -12.06
N MET A 99 2.39 12.01 -12.88
CA MET A 99 1.53 13.18 -12.69
C MET A 99 0.07 12.81 -12.96
N GLU A 100 -0.21 12.24 -14.12
CA GLU A 100 -1.58 11.89 -14.44
C GLU A 100 -2.16 10.88 -13.45
N GLY A 101 -1.32 10.18 -12.70
CA GLY A 101 -1.79 9.38 -11.58
C GLY A 101 -2.11 7.94 -11.90
N PHE A 102 -1.45 7.35 -12.89
CA PHE A 102 -1.68 5.94 -13.20
C PHE A 102 -1.19 5.05 -12.06
N ASP A 103 -1.83 3.87 -11.93
CA ASP A 103 -1.40 2.89 -10.94
C ASP A 103 -0.16 2.13 -11.41
N VAL A 104 -0.10 1.81 -12.70
CA VAL A 104 0.93 0.93 -13.25
C VAL A 104 1.61 1.65 -14.38
N ILE A 105 2.94 1.73 -14.32
CA ILE A 105 3.75 2.19 -15.42
C ILE A 105 4.52 1.00 -15.96
N VAL A 106 4.34 0.70 -17.25
CA VAL A 106 5.09 -0.36 -17.88
C VAL A 106 6.09 0.28 -18.82
N SER A 107 7.34 -0.04 -18.61
CA SER A 107 8.41 0.50 -19.44
C SER A 107 8.60 -0.48 -20.58
N MET A 108 8.53 0.02 -21.81
CA MET A 108 8.68 -0.81 -23.01
C MET A 108 9.68 -0.18 -23.98
N ASP A 109 10.55 -1.02 -24.55
CA ASP A 109 11.33 -0.63 -25.72
C ASP A 109 10.43 -0.44 -26.93
N ASP A 110 10.78 0.50 -27.81
CA ASP A 110 10.02 0.63 -29.05
C ASP A 110 10.34 -0.49 -30.03
N ASP A 111 10.60 -1.68 -29.51
CA ASP A 111 11.32 -2.73 -30.22
C ASP A 111 10.73 -4.12 -30.01
N ASN A 112 9.89 -4.34 -29.00
CA ASN A 112 9.34 -5.65 -28.71
C ASN A 112 7.83 -5.53 -28.59
N LEU A 113 7.15 -6.68 -28.62
CA LEU A 113 5.70 -6.74 -28.76
C LEU A 113 5.12 -7.80 -27.84
N PRO A 114 3.94 -7.57 -27.27
CA PRO A 114 3.28 -8.61 -26.48
C PRO A 114 3.05 -9.86 -27.33
N THR A 115 3.24 -11.01 -26.70
CA THR A 115 2.94 -12.30 -27.29
C THR A 115 1.65 -12.90 -26.76
N THR A 116 0.99 -12.24 -25.82
CA THR A 116 -0.26 -12.75 -25.29
C THR A 116 -1.24 -11.60 -25.15
N ASP A 117 -2.51 -11.93 -25.26
CA ASP A 117 -3.53 -10.89 -25.17
C ASP A 117 -3.70 -10.38 -23.74
N ASP A 118 -3.27 -11.15 -22.73
CA ASP A 118 -3.32 -10.72 -21.33
C ASP A 118 -2.07 -9.95 -20.90
N PHE A 119 -1.37 -9.30 -21.82
CA PHE A 119 -0.14 -8.58 -21.50
C PHE A 119 -0.36 -7.57 -20.39
N VAL A 120 -1.30 -6.64 -20.57
CA VAL A 120 -1.51 -5.62 -19.56
C VAL A 120 -1.97 -6.25 -18.25
N GLU A 121 -2.86 -7.23 -18.34
CA GLU A 121 -3.37 -7.89 -17.16
C GLU A 121 -2.25 -8.49 -16.31
N ARG A 122 -1.30 -9.17 -16.94
CA ARG A 122 -0.26 -9.84 -16.15
C ARG A 122 0.68 -8.84 -15.50
N HIS A 123 0.89 -7.68 -16.11
CA HIS A 123 1.68 -6.63 -15.48
C HIS A 123 0.93 -5.94 -14.33
N GLN A 124 -0.36 -6.22 -14.16
CA GLN A 124 -1.06 -5.68 -13.00
C GLN A 124 -0.73 -6.45 -11.73
N VAL A 125 0.12 -7.47 -11.81
CA VAL A 125 0.57 -8.21 -10.64
C VAL A 125 1.28 -7.28 -9.66
N VAL A 126 1.64 -6.07 -10.09
CA VAL A 126 2.27 -5.13 -9.17
C VAL A 126 1.26 -4.27 -8.41
N CYS A 127 -0.04 -4.53 -8.60
CA CYS A 127 -1.07 -3.85 -7.81
C CYS A 127 -1.80 -4.79 -6.86
N GLN A 128 -1.63 -6.10 -7.01
CA GLN A 128 -2.06 -7.03 -5.97
C GLN A 128 -1.23 -6.77 -4.72
N GLY A 129 -1.87 -6.77 -3.57
CA GLY A 129 -1.20 -6.28 -2.40
C GLY A 129 -0.16 -7.21 -1.82
N PRO A 130 0.20 -6.97 -0.56
CA PRO A 130 0.99 -7.95 0.18
C PRO A 130 0.14 -9.18 0.48
N ARG A 131 0.75 -10.35 0.27
CA ARG A 131 0.15 -11.64 0.59
C ARG A 131 1.29 -12.60 0.85
N THR A 132 1.00 -13.69 1.56
CA THR A 132 1.96 -14.79 1.61
C THR A 132 1.93 -15.55 0.29
N GLN A 133 3.09 -16.00 -0.17
CA GLN A 133 3.22 -16.48 -1.54
C GLN A 133 4.57 -17.15 -1.69
N PRO A 134 4.73 -18.02 -2.68
CA PRO A 134 6.03 -18.68 -2.88
C PRO A 134 7.09 -17.65 -3.24
N VAL A 135 8.21 -17.71 -2.53
CA VAL A 135 9.27 -16.72 -2.63
C VAL A 135 10.60 -17.45 -2.87
N THR A 136 11.36 -16.98 -3.86
CA THR A 136 12.58 -17.66 -4.31
C THR A 136 13.84 -17.00 -3.76
N ALA A 137 14.68 -17.80 -3.11
CA ALA A 137 15.94 -17.39 -2.53
C ALA A 137 17.09 -18.16 -3.20
N SER A 138 18.29 -17.58 -3.12
CA SER A 138 19.49 -18.18 -3.68
C SER A 138 20.63 -18.01 -2.69
N SER A 139 21.32 -19.10 -2.37
CA SER A 139 22.38 -19.03 -1.36
C SER A 139 23.46 -18.01 -1.70
N ASP A 140 23.59 -17.58 -2.95
CA ASP A 140 24.63 -16.63 -3.34
C ASP A 140 24.12 -15.21 -3.46
N GLY A 141 22.82 -14.99 -3.20
CA GLY A 141 22.23 -13.66 -3.32
C GLY A 141 21.89 -13.22 -4.74
N TRP A 142 22.08 -14.07 -5.74
CA TRP A 142 21.81 -13.72 -7.14
C TRP A 142 20.85 -14.74 -7.74
N PHE A 143 19.99 -14.26 -8.60
CA PHE A 143 19.11 -15.13 -9.35
C PHE A 143 19.24 -14.81 -10.83
N ASN A 144 19.26 -15.83 -11.66
CA ASN A 144 19.50 -15.67 -13.10
C ASN A 144 18.17 -15.83 -13.82
N ASN A 145 17.57 -14.72 -14.25
CA ASN A 145 16.25 -14.82 -14.85
C ASN A 145 16.27 -15.54 -16.22
N CYS A 146 17.43 -15.61 -16.88
CA CYS A 146 17.47 -16.36 -18.14
C CYS A 146 17.38 -17.87 -17.92
N ALA A 147 17.68 -18.36 -16.72
CA ALA A 147 17.37 -19.75 -16.40
C ALA A 147 15.88 -20.08 -16.53
N LEU A 148 15.01 -19.06 -16.61
CA LEU A 148 13.58 -19.27 -16.83
C LEU A 148 13.21 -19.48 -18.29
N LEU A 149 14.16 -19.36 -19.22
CA LEU A 149 13.93 -19.53 -20.65
C LEU A 149 14.71 -20.73 -21.19
N GLU A 150 14.25 -21.23 -22.33
CA GLU A 150 15.04 -22.14 -23.16
C GLU A 150 15.76 -21.29 -24.19
N VAL A 151 17.06 -21.10 -23.99
CA VAL A 151 17.88 -20.44 -25.02
C VAL A 151 18.41 -21.55 -25.93
N GLU A 152 19.46 -21.30 -26.71
CA GLU A 152 19.64 -22.23 -27.82
C GLU A 152 21.01 -22.89 -27.80
N PRO A 153 22.12 -22.12 -27.81
CA PRO A 153 23.44 -22.79 -27.86
C PRO A 153 23.89 -23.22 -26.48
N THR A 154 23.70 -22.35 -25.48
CA THR A 154 24.24 -22.58 -24.14
C THR A 154 23.52 -21.65 -23.17
N GLU A 155 23.87 -21.77 -21.89
CA GLU A 155 23.26 -20.98 -20.83
C GLU A 155 23.85 -19.57 -20.85
N VAL A 156 23.01 -18.59 -20.49
CA VAL A 156 23.42 -17.19 -20.47
C VAL A 156 22.89 -16.55 -19.19
N PHE A 157 23.44 -15.38 -18.90
CA PHE A 157 23.05 -14.48 -17.82
C PHE A 157 22.48 -13.19 -18.40
N PRO A 158 21.67 -12.46 -17.65
CA PRO A 158 21.13 -11.20 -18.18
C PRO A 158 22.19 -10.11 -18.22
N ARG A 159 22.00 -9.17 -19.14
CA ARG A 159 22.74 -7.92 -19.10
C ARG A 159 22.68 -7.35 -17.68
N GLY A 160 23.82 -6.86 -17.19
CA GLY A 160 23.85 -6.31 -15.88
C GLY A 160 24.07 -7.32 -14.78
N PHE A 161 23.91 -8.61 -15.05
CA PHE A 161 24.27 -9.63 -14.07
C PHE A 161 25.75 -9.51 -13.74
N PRO A 162 26.13 -9.49 -12.46
CA PRO A 162 27.54 -9.26 -12.09
C PRO A 162 28.45 -10.39 -12.58
N PHE A 163 29.68 -10.03 -12.98
CA PHE A 163 30.57 -11.03 -13.57
C PHE A 163 31.27 -11.88 -12.51
N HIS A 164 31.63 -11.29 -11.35
CA HIS A 164 32.29 -12.09 -10.31
C HIS A 164 31.40 -13.22 -9.82
N ALA A 165 30.08 -13.10 -9.98
CA ALA A 165 29.17 -14.09 -9.46
C ALA A 165 28.96 -15.27 -10.38
N ARG A 166 29.23 -15.13 -11.68
CA ARG A 166 28.74 -16.12 -12.64
C ARG A 166 29.42 -17.48 -12.49
N PRO A 167 30.74 -17.56 -12.28
CA PRO A 167 31.37 -18.89 -12.18
C PRO A 167 30.82 -19.76 -11.06
N ALA A 168 30.59 -19.22 -9.88
CA ALA A 168 30.14 -20.07 -8.79
C ALA A 168 28.63 -20.25 -8.76
N HIS A 169 27.88 -19.57 -9.63
CA HIS A 169 26.42 -19.54 -9.50
C HIS A 169 25.79 -20.90 -9.74
N ALA A 170 26.43 -21.75 -10.55
CA ALA A 170 25.92 -23.10 -10.80
C ALA A 170 25.85 -23.93 -9.52
N GLN A 171 26.66 -23.62 -8.52
CA GLN A 171 26.71 -24.37 -7.27
C GLN A 171 25.87 -23.73 -6.17
N ALA A 172 25.00 -22.79 -6.50
CA ALA A 172 24.20 -22.16 -5.46
C ALA A 172 22.88 -22.89 -5.29
N ARG A 173 22.32 -22.79 -4.09
CA ARG A 173 21.07 -23.46 -3.78
C ARG A 173 19.90 -22.52 -4.06
N THR A 174 18.85 -23.08 -4.65
CA THR A 174 17.60 -22.37 -4.86
C THR A 174 16.52 -23.06 -4.04
N SER A 175 15.63 -22.28 -3.41
CA SER A 175 14.85 -22.78 -2.28
C SER A 175 13.34 -22.85 -2.55
N VAL A 176 12.67 -21.70 -2.75
CA VAL A 176 11.21 -21.55 -2.76
C VAL A 176 10.66 -21.73 -1.34
N CYS A 177 9.87 -20.77 -0.88
CA CYS A 177 9.29 -20.73 0.47
C CYS A 177 8.08 -19.83 0.44
N GLU A 178 7.00 -20.25 1.11
CA GLU A 178 5.84 -19.38 1.28
C GLU A 178 6.14 -18.35 2.38
N ARG A 179 6.16 -17.07 2.03
CA ARG A 179 6.45 -15.98 2.94
C ARG A 179 5.71 -14.72 2.49
N PRO A 180 5.48 -13.78 3.40
CA PRO A 180 4.88 -12.49 3.00
C PRO A 180 5.77 -11.77 1.99
N ALA A 181 5.20 -11.47 0.83
CA ALA A 181 5.85 -10.61 -0.17
C ALA A 181 4.84 -9.62 -0.72
N ASP A 182 5.35 -8.51 -1.26
CA ASP A 182 4.52 -7.45 -1.85
C ASP A 182 5.15 -7.03 -3.17
N VAL A 183 4.72 -7.64 -4.28
CA VAL A 183 5.32 -7.39 -5.59
C VAL A 183 5.02 -5.98 -6.05
N ARG A 184 6.06 -5.17 -6.27
CA ARG A 184 5.92 -3.85 -6.86
C ARG A 184 6.66 -3.63 -8.18
N ILE A 185 7.50 -4.57 -8.62
CA ILE A 185 8.23 -4.50 -9.88
C ILE A 185 8.07 -5.84 -10.56
N ASN A 186 7.45 -5.86 -11.74
CA ASN A 186 7.31 -7.08 -12.54
C ASN A 186 8.16 -6.95 -13.79
N ALA A 187 9.27 -7.70 -13.84
CA ALA A 187 10.14 -7.72 -15.02
C ALA A 187 9.75 -8.90 -15.90
N GLY A 188 9.01 -8.59 -16.98
CA GLY A 188 8.64 -9.61 -17.96
C GLY A 188 9.80 -9.93 -18.88
N LEU A 189 9.86 -11.19 -19.31
CA LEU A 189 11.00 -11.72 -20.05
C LEU A 189 10.77 -11.65 -21.57
N TRP A 190 11.72 -12.18 -22.34
CA TRP A 190 11.82 -11.91 -23.77
C TRP A 190 12.11 -13.17 -24.55
N LEU A 191 11.35 -13.38 -25.62
CA LEU A 191 11.63 -14.42 -26.60
C LEU A 191 12.36 -13.82 -27.80
N GLY A 192 13.18 -14.64 -28.43
CA GLY A 192 13.95 -14.18 -29.58
C GLY A 192 15.36 -13.82 -29.20
N ASP A 193 15.68 -12.52 -29.17
CA ASP A 193 16.97 -12.06 -28.67
C ASP A 193 16.84 -11.68 -27.19
N PRO A 194 17.31 -12.50 -26.26
CA PRO A 194 17.15 -12.18 -24.84
C PRO A 194 18.06 -11.02 -24.44
N ASP A 195 17.69 -10.32 -23.37
CA ASP A 195 18.44 -9.13 -22.94
C ASP A 195 19.72 -9.59 -22.28
N VAL A 196 20.74 -9.82 -23.09
CA VAL A 196 22.07 -10.16 -22.62
C VAL A 196 22.99 -8.97 -22.84
N ASP A 197 24.12 -8.97 -22.17
CA ASP A 197 25.08 -7.91 -22.47
C ASP A 197 25.77 -8.17 -23.81
N ALA A 198 26.51 -7.16 -24.25
CA ALA A 198 27.24 -7.26 -25.51
C ALA A 198 28.26 -8.39 -25.49
N ILE A 199 28.99 -8.55 -24.38
CA ILE A 199 29.95 -9.63 -24.24
C ILE A 199 29.32 -10.97 -24.56
N THR A 200 28.10 -11.19 -24.07
CA THR A 200 27.43 -12.47 -24.27
C THR A 200 26.91 -12.63 -25.71
N ARG A 201 26.36 -11.57 -26.30
CA ARG A 201 25.80 -11.73 -27.64
C ARG A 201 26.89 -11.94 -28.69
N LEU A 202 28.06 -11.30 -28.50
CA LEU A 202 29.20 -11.58 -29.37
C LEU A 202 29.67 -13.02 -29.21
N ALA A 203 29.59 -13.55 -27.99
CA ALA A 203 30.22 -14.85 -27.77
C ALA A 203 29.34 -16.00 -28.21
N VAL A 204 28.03 -15.91 -28.00
CA VAL A 204 27.20 -17.08 -28.24
C VAL A 204 25.93 -16.77 -29.00
N ARG A 205 25.68 -15.48 -29.29
CA ARG A 205 24.54 -15.03 -30.08
C ARG A 205 23.23 -15.71 -29.65
N PRO A 206 22.87 -15.63 -28.36
CA PRO A 206 21.82 -16.51 -27.83
C PRO A 206 20.47 -16.29 -28.50
N ASN A 207 19.66 -17.35 -28.52
CA ASN A 207 18.31 -17.29 -29.05
C ASN A 207 17.36 -17.90 -28.03
N ALA A 208 16.46 -17.08 -27.48
CA ALA A 208 15.51 -17.51 -26.47
C ALA A 208 14.27 -18.08 -27.16
N LEU A 209 14.06 -19.38 -26.99
CA LEU A 209 13.05 -20.12 -27.73
C LEU A 209 11.71 -20.20 -27.03
N ALA A 210 11.70 -20.39 -25.71
CA ALA A 210 10.46 -20.56 -24.98
C ALA A 210 10.63 -20.02 -23.57
N HIS A 211 9.48 -19.67 -22.97
CA HIS A 211 9.41 -19.35 -21.54
C HIS A 211 9.02 -20.62 -20.80
N SER A 212 9.98 -21.25 -20.15
CA SER A 212 9.79 -22.59 -19.62
C SER A 212 9.68 -22.64 -18.11
N GLY A 213 10.21 -21.68 -17.37
CA GLY A 213 10.33 -21.81 -15.94
C GLY A 213 9.23 -21.19 -15.10
N GLY A 214 8.20 -20.61 -15.72
CA GLY A 214 7.18 -19.94 -14.94
C GLY A 214 7.72 -18.61 -14.43
N SER A 215 7.16 -18.17 -13.30
CA SER A 215 7.54 -16.89 -12.71
C SER A 215 8.00 -17.06 -11.28
N VAL A 216 8.75 -16.09 -10.80
CA VAL A 216 9.34 -16.14 -9.47
C VAL A 216 9.26 -14.75 -8.84
N VAL A 217 9.34 -14.73 -7.51
CA VAL A 217 9.38 -13.50 -6.73
C VAL A 217 10.56 -13.62 -5.78
N LEU A 218 11.52 -12.70 -5.88
CA LEU A 218 12.78 -12.86 -5.17
C LEU A 218 12.65 -12.46 -3.70
N ALA A 219 13.03 -13.39 -2.82
CA ALA A 219 13.26 -13.14 -1.41
C ALA A 219 14.10 -11.90 -1.18
N GLU A 220 13.94 -11.30 0.00
CA GLU A 220 14.85 -10.26 0.42
C GLU A 220 16.28 -10.81 0.41
N GLY A 221 17.21 -10.07 -0.20
CA GLY A 221 18.59 -10.49 -0.27
C GLY A 221 18.96 -11.23 -1.54
N THR A 222 18.00 -11.58 -2.38
CA THR A 222 18.28 -12.19 -3.68
C THR A 222 18.01 -11.15 -4.75
N TRP A 223 19.04 -10.83 -5.56
CA TRP A 223 18.96 -9.77 -6.54
C TRP A 223 19.06 -10.32 -7.95
N CYS A 224 18.61 -9.52 -8.92
CA CYS A 224 18.71 -9.87 -10.32
C CYS A 224 18.48 -8.62 -11.14
N PRO A 225 19.27 -8.37 -12.19
CA PRO A 225 19.08 -7.13 -12.96
C PRO A 225 17.65 -7.02 -13.47
N VAL A 226 17.16 -5.78 -13.54
CA VAL A 226 15.83 -5.45 -14.04
C VAL A 226 16.04 -4.38 -15.08
N ASN A 227 15.62 -4.64 -16.33
CA ASN A 227 15.75 -3.65 -17.38
C ASN A 227 14.46 -2.86 -17.53
N SER A 228 14.44 -1.94 -18.49
CA SER A 228 13.24 -1.15 -18.74
C SER A 228 12.67 -1.42 -20.13
N GLN A 229 12.78 -2.68 -20.58
CA GLN A 229 12.26 -3.08 -21.89
C GLN A 229 10.87 -3.68 -21.81
N ASN A 230 10.47 -4.20 -20.65
CA ASN A 230 9.20 -4.92 -20.47
C ASN A 230 8.94 -5.10 -18.98
N THR A 231 8.79 -3.98 -18.28
CA THR A 231 8.87 -3.95 -16.83
C THR A 231 7.72 -3.12 -16.26
N ALA A 232 6.97 -3.72 -15.34
CA ALA A 232 5.90 -3.02 -14.65
C ALA A 232 6.39 -2.49 -13.31
N VAL A 233 6.16 -1.21 -13.07
CA VAL A 233 6.49 -0.60 -11.79
C VAL A 233 5.20 0.00 -11.23
N HIS A 234 4.91 -0.35 -9.99
CA HIS A 234 3.82 0.31 -9.28
C HIS A 234 4.13 1.79 -9.14
N ARG A 235 3.08 2.61 -9.21
CA ARG A 235 3.29 4.05 -9.17
C ARG A 235 4.12 4.46 -7.96
N ASP A 236 3.96 3.76 -6.83
CA ASP A 236 4.69 4.11 -5.60
C ASP A 236 6.19 3.97 -5.77
N ALA A 237 6.63 2.93 -6.50
CA ALA A 237 8.06 2.68 -6.72
C ALA A 237 8.64 3.53 -7.84
N LEU A 238 7.82 4.04 -8.74
CA LEU A 238 8.25 4.90 -9.84
C LEU A 238 9.33 5.89 -9.41
N PRO A 239 9.23 6.53 -8.23
CA PRO A 239 10.29 7.48 -7.85
C PRO A 239 11.70 6.93 -7.88
N ALA A 240 11.88 5.64 -7.66
CA ALA A 240 13.19 5.05 -7.60
C ALA A 240 13.61 4.46 -8.95
N TYR A 241 12.84 4.75 -10.00
CA TYR A 241 13.03 4.14 -11.29
C TYR A 241 13.60 5.12 -12.30
N TYR A 242 14.19 6.21 -11.82
CA TYR A 242 14.83 7.21 -12.66
C TYR A 242 15.89 6.55 -13.54
N PHE A 243 15.72 6.69 -14.85
CA PHE A 243 16.63 6.07 -15.81
C PHE A 243 17.97 6.82 -15.80
N LEU A 244 19.05 6.16 -15.35
CA LEU A 244 20.30 6.88 -15.16
C LEU A 244 20.84 7.45 -16.46
N ARG A 245 21.32 8.69 -16.39
CA ARG A 245 21.96 9.35 -17.51
C ARG A 245 23.29 8.68 -17.83
N MET A 246 23.51 8.39 -19.10
CA MET A 246 24.78 7.83 -19.55
C MET A 246 25.70 8.93 -20.06
N GLY A 247 26.84 8.52 -20.62
CA GLY A 247 27.84 9.45 -21.12
C GLY A 247 28.99 9.80 -20.18
N GLN A 248 28.99 9.32 -18.92
CA GLN A 248 30.14 9.69 -18.10
C GLN A 248 31.37 8.86 -18.49
N PRO A 249 32.56 9.45 -18.56
CA PRO A 249 33.75 8.65 -18.89
C PRO A 249 34.25 7.82 -17.70
N VAL A 250 34.52 6.57 -17.99
CA VAL A 250 35.25 5.69 -17.09
C VAL A 250 36.64 5.53 -17.69
N ASP A 251 37.62 6.15 -17.04
CA ASP A 251 38.99 6.11 -17.52
C ASP A 251 39.10 6.68 -18.94
N GLY A 252 38.25 7.67 -19.26
CA GLY A 252 38.24 8.30 -20.58
C GLY A 252 37.19 7.75 -21.55
N VAL A 253 36.66 6.55 -21.33
CA VAL A 253 35.70 5.95 -22.24
C VAL A 253 34.30 6.32 -21.75
N PRO A 254 33.45 6.93 -22.58
CA PRO A 254 32.09 7.27 -22.14
C PRO A 254 31.21 6.04 -22.03
N MET A 255 30.60 5.90 -20.87
CA MET A 255 29.64 4.85 -20.57
C MET A 255 28.36 5.04 -21.41
N GLU A 256 27.78 3.93 -21.86
CA GLU A 256 26.46 3.99 -22.49
C GLU A 256 25.77 2.65 -22.29
N ARG A 257 24.46 2.65 -22.48
CA ARG A 257 23.59 1.47 -22.60
C ARG A 257 23.22 0.82 -21.25
N PHE A 258 23.65 1.36 -20.10
CA PHE A 258 23.36 0.75 -18.80
C PHE A 258 22.43 1.60 -17.92
N GLY A 259 21.75 2.59 -18.49
CA GLY A 259 20.91 3.47 -17.68
C GLY A 259 19.83 2.71 -16.93
N ASP A 260 19.27 1.68 -17.54
CA ASP A 260 18.30 0.83 -16.90
C ASP A 260 18.92 -0.28 -16.07
N ILE A 261 20.20 -0.62 -16.27
CA ILE A 261 20.83 -1.54 -15.34
C ILE A 261 20.93 -0.88 -13.98
N PHE A 262 21.26 0.41 -13.94
CA PHE A 262 21.30 1.10 -12.67
C PHE A 262 19.90 1.35 -12.13
N SER A 263 18.96 1.75 -12.98
CA SER A 263 17.58 1.97 -12.52
C SER A 263 17.00 0.69 -11.92
N GLY A 264 17.25 -0.45 -12.58
CA GLY A 264 16.68 -1.71 -12.12
C GLY A 264 17.23 -2.15 -10.78
N TYR A 265 18.52 -1.92 -10.52
CA TYR A 265 19.10 -2.27 -9.22
C TYR A 265 18.72 -1.25 -8.14
N PHE A 266 18.61 0.03 -8.52
CA PHE A 266 18.27 1.05 -7.55
C PHE A 266 16.83 0.91 -7.05
N VAL A 267 15.87 0.61 -7.95
CA VAL A 267 14.49 0.45 -7.50
C VAL A 267 14.38 -0.83 -6.69
N GLN A 268 15.20 -1.83 -7.04
CA GLN A 268 15.18 -3.11 -6.34
C GLN A 268 15.76 -2.98 -4.94
N VAL A 269 16.97 -2.41 -4.82
CA VAL A 269 17.52 -2.08 -3.50
C VAL A 269 16.50 -1.30 -2.69
N CYS A 270 15.84 -0.33 -3.32
CA CYS A 270 14.88 0.51 -2.64
C CYS A 270 13.63 -0.28 -2.26
N ALA A 271 13.08 -1.05 -3.20
CA ALA A 271 11.91 -1.86 -2.89
C ALA A 271 12.16 -2.79 -1.71
N GLN A 272 13.34 -3.43 -1.66
CA GLN A 272 13.58 -4.42 -0.63
C GLN A 272 13.70 -3.77 0.76
N HIS A 273 14.35 -2.62 0.84
CA HIS A 273 14.43 -1.93 2.13
C HIS A 273 13.04 -1.55 2.65
N LEU A 274 12.03 -1.46 1.78
CA LEU A 274 10.66 -1.13 2.16
C LEU A 274 9.76 -2.35 2.27
N GLY A 275 10.32 -3.56 2.18
CA GLY A 275 9.53 -4.76 2.29
C GLY A 275 8.84 -5.21 1.02
N HIS A 276 9.15 -4.60 -0.11
CA HIS A 276 8.55 -4.92 -1.41
C HIS A 276 9.47 -5.83 -2.22
N ALA A 277 8.93 -6.38 -3.32
CA ALA A 277 9.60 -7.46 -4.05
C ALA A 277 9.60 -7.22 -5.55
N VAL A 278 10.56 -7.86 -6.21
CA VAL A 278 10.66 -7.90 -7.66
C VAL A 278 10.18 -9.27 -8.12
N ARG A 279 9.35 -9.27 -9.16
CA ARG A 279 8.87 -10.48 -9.82
C ARG A 279 9.45 -10.56 -11.22
N PHE A 280 9.68 -11.79 -11.70
CA PHE A 280 10.18 -12.08 -13.05
C PHE A 280 9.32 -13.14 -13.70
N GLY A 281 9.09 -13.01 -15.01
CA GLY A 281 8.38 -14.04 -15.74
C GLY A 281 7.45 -13.50 -16.81
N ASP A 282 6.15 -13.80 -16.69
CA ASP A 282 5.20 -13.31 -17.66
C ASP A 282 4.85 -11.86 -17.32
N PRO A 283 4.28 -11.09 -18.28
CA PRO A 283 3.98 -11.45 -19.66
C PRO A 283 5.25 -11.33 -20.50
N VAL A 284 5.48 -12.26 -21.42
CA VAL A 284 6.72 -12.25 -22.18
C VAL A 284 6.49 -11.53 -23.49
N VAL A 285 7.56 -10.93 -24.02
CA VAL A 285 7.50 -10.22 -25.28
C VAL A 285 8.44 -10.91 -26.26
N GLU A 286 8.27 -10.59 -27.55
CA GLU A 286 9.22 -11.02 -28.57
C GLU A 286 10.04 -9.82 -29.00
N HIS A 287 11.35 -9.98 -28.92
CA HIS A 287 12.30 -8.94 -29.30
C HIS A 287 13.06 -9.45 -30.52
N PRO A 288 12.80 -8.89 -31.71
CA PRO A 288 13.42 -9.42 -32.93
C PRO A 288 14.93 -9.20 -32.95
N ARG A 289 15.65 -10.24 -33.38
CA ARG A 289 17.10 -10.21 -33.53
C ARG A 289 17.60 -9.10 -34.44
N ASN A 290 17.42 -7.82 -34.08
CA ASN A 290 17.83 -6.78 -35.01
C ASN A 290 19.27 -6.39 -34.72
N GLU A 291 20.18 -7.06 -35.42
CA GLU A 291 21.59 -6.88 -35.20
C GLU A 291 22.11 -5.60 -35.84
N HIS A 292 23.20 -5.11 -35.28
CA HIS A 292 23.86 -3.86 -35.67
C HIS A 292 25.34 -3.97 -35.28
N ASP A 293 25.99 -2.84 -35.01
CA ASP A 293 27.42 -2.85 -34.68
C ASP A 293 27.58 -3.37 -33.26
N LEU A 294 27.57 -4.71 -33.15
CA LEU A 294 27.73 -5.36 -31.85
C LEU A 294 29.06 -4.95 -31.20
N LEU A 295 30.11 -4.75 -32.00
CA LEU A 295 31.38 -4.28 -31.46
C LEU A 295 31.23 -2.90 -30.85
N ASP A 296 30.38 -2.06 -31.44
CA ASP A 296 30.17 -0.73 -30.88
C ASP A 296 29.34 -0.80 -29.61
N ASP A 297 28.42 -1.76 -29.52
CA ASP A 297 27.74 -2.03 -28.25
C ASP A 297 28.75 -2.36 -27.17
N LEU A 298 29.71 -3.22 -27.50
CA LEU A 298 30.69 -3.67 -26.53
C LEU A 298 31.51 -2.49 -26.01
N HIS A 299 32.02 -1.67 -26.92
CA HIS A 299 32.80 -0.53 -26.50
C HIS A 299 32.00 0.40 -25.60
N LYS A 300 30.69 0.46 -25.81
CA LYS A 300 29.83 1.33 -25.03
C LYS A 300 29.53 0.73 -23.68
N GLU A 301 29.43 -0.61 -23.57
CA GLU A 301 29.03 -1.21 -22.32
C GLU A 301 30.19 -1.50 -21.38
N VAL A 302 31.41 -1.67 -21.92
CA VAL A 302 32.54 -2.04 -21.09
C VAL A 302 32.80 -1.04 -19.97
N PRO A 303 32.74 0.29 -20.19
CA PRO A 303 32.93 1.22 -19.05
C PRO A 303 32.00 1.00 -17.87
N ALA A 304 30.71 0.79 -18.10
CA ALA A 304 29.81 0.53 -16.99
C ALA A 304 30.08 -0.85 -16.40
N VAL A 305 30.37 -1.83 -17.26
CA VAL A 305 30.60 -3.19 -16.75
C VAL A 305 31.81 -3.23 -15.84
N ARG A 306 32.84 -2.42 -16.12
CA ARG A 306 34.04 -2.36 -15.31
C ARG A 306 33.77 -1.86 -13.89
N LEU A 307 32.61 -1.24 -13.65
CA LEU A 307 32.32 -0.66 -12.35
C LEU A 307 31.25 -1.41 -11.57
N LEU A 308 30.34 -2.10 -12.25
CA LEU A 308 29.09 -2.49 -11.64
C LEU A 308 29.27 -3.49 -10.50
N ASP A 309 30.30 -4.35 -10.60
CA ASP A 309 30.51 -5.39 -9.58
C ASP A 309 30.90 -4.78 -8.24
N ASP A 310 31.78 -3.78 -8.27
CA ASP A 310 32.17 -3.12 -7.03
C ASP A 310 31.01 -2.33 -6.43
N ILE A 311 30.17 -1.74 -7.30
CA ILE A 311 29.03 -0.95 -6.85
C ILE A 311 28.01 -1.84 -6.14
N LEU A 312 27.70 -2.98 -6.76
CA LEU A 312 26.75 -3.91 -6.14
C LEU A 312 27.26 -4.41 -4.81
N ASP A 313 28.55 -4.75 -4.73
CA ASP A 313 29.12 -5.26 -3.49
C ASP A 313 28.96 -4.25 -2.36
N HIS A 314 29.24 -2.98 -2.64
CA HIS A 314 29.16 -1.97 -1.60
C HIS A 314 27.71 -1.64 -1.23
N LEU A 315 26.76 -1.81 -2.17
CA LEU A 315 25.36 -1.54 -1.86
C LEU A 315 24.81 -2.55 -0.85
N ARG A 316 25.38 -3.75 -0.81
CA ARG A 316 24.92 -4.78 0.13
C ARG A 316 25.29 -4.48 1.57
N ASP A 317 26.32 -3.68 1.81
CA ASP A 317 26.70 -3.31 3.17
C ASP A 317 26.43 -1.85 3.46
N HIS A 318 25.44 -1.27 2.80
CA HIS A 318 25.06 0.12 3.05
C HIS A 318 23.59 0.23 3.42
N PRO A 319 23.27 0.33 4.71
CA PRO A 319 21.86 0.42 5.09
C PRO A 319 21.26 1.72 4.58
N LEU A 320 20.02 1.66 4.16
CA LEU A 320 19.30 2.85 3.70
C LEU A 320 18.29 3.32 4.74
N GLU A 321 17.94 4.59 4.68
CA GLU A 321 16.86 5.14 5.48
C GLU A 321 15.68 5.51 4.59
N GLY A 322 14.50 5.63 5.21
CA GLY A 322 13.39 6.24 4.52
C GLY A 322 12.12 5.45 4.65
N GLY A 323 10.97 6.13 4.50
CA GLY A 323 9.70 5.50 4.70
C GLY A 323 8.91 5.30 3.43
N ASP A 324 9.30 6.00 2.37
CA ASP A 324 8.70 5.82 1.05
C ASP A 324 9.83 5.83 0.01
N TYR A 325 9.45 5.65 -1.25
CA TYR A 325 10.48 5.44 -2.28
C TYR A 325 11.31 6.70 -2.50
N LEU A 326 10.68 7.87 -2.42
CA LEU A 326 11.45 9.10 -2.58
C LEU A 326 12.50 9.21 -1.50
N GLU A 327 12.10 9.08 -0.24
CA GLU A 327 13.04 9.18 0.87
C GLU A 327 14.12 8.11 0.78
N THR A 328 13.74 6.88 0.46
CA THR A 328 14.75 5.83 0.28
C THR A 328 15.67 6.14 -0.89
N TYR A 329 15.12 6.66 -1.99
CA TYR A 329 15.94 6.92 -3.16
C TYR A 329 16.97 8.00 -2.88
N GLU A 330 16.59 9.05 -2.16
CA GLU A 330 17.57 10.06 -1.77
C GLU A 330 18.63 9.47 -0.84
N SER A 331 18.21 8.61 0.10
CA SER A 331 19.21 7.94 0.95
C SER A 331 20.21 7.19 0.08
N LEU A 332 19.72 6.47 -0.93
CA LEU A 332 20.57 5.70 -1.83
C LEU A 332 21.56 6.60 -2.54
N SER A 333 21.10 7.76 -3.01
CA SER A 333 21.99 8.67 -3.72
C SER A 333 23.16 9.09 -2.82
N TYR A 334 22.89 9.31 -1.53
CA TYR A 334 23.93 9.64 -0.57
C TYR A 334 24.87 8.47 -0.31
N ALA A 335 24.33 7.25 -0.27
CA ALA A 335 25.18 6.08 -0.14
C ALA A 335 26.13 5.94 -1.32
N LEU A 336 25.65 6.25 -2.53
CA LEU A 336 26.50 6.16 -3.71
C LEU A 336 27.65 7.16 -3.64
N GLN A 337 27.43 8.32 -3.01
CA GLN A 337 28.53 9.26 -2.82
C GLN A 337 29.59 8.69 -1.88
N GLU A 338 29.18 8.00 -0.81
CA GLU A 338 30.19 7.44 0.09
C GLU A 338 30.89 6.27 -0.56
N ILE A 339 30.16 5.43 -1.28
CA ILE A 339 30.77 4.31 -2.00
C ILE A 339 31.81 4.82 -2.97
N ALA A 340 31.55 5.97 -3.59
CA ALA A 340 32.41 6.51 -4.64
C ALA A 340 33.84 6.72 -4.14
N GLU A 341 33.98 7.11 -2.87
CA GLU A 341 35.29 7.37 -2.28
C GLU A 341 35.86 6.14 -1.58
N ARG A 342 35.02 5.19 -1.19
CA ARG A 342 35.50 4.03 -0.46
C ARG A 342 36.05 2.97 -1.39
N VAL A 343 35.49 2.86 -2.60
CA VAL A 343 35.77 1.73 -3.47
C VAL A 343 37.19 1.81 -4.02
N ASN A 344 37.76 0.65 -4.35
CA ASN A 344 39.15 0.53 -4.76
C ASN A 344 39.26 -0.34 -6.00
N GLY A 345 40.21 0.00 -6.85
CA GLY A 345 40.51 -0.85 -7.97
C GLY A 345 41.05 -0.06 -9.14
N ARG A 346 41.47 -0.81 -10.15
CA ARG A 346 42.19 -0.24 -11.30
C ARG A 346 41.28 0.66 -12.14
N ALA A 347 39.98 0.35 -12.21
CA ALA A 347 39.05 1.10 -13.03
C ALA A 347 38.51 2.34 -12.32
N TRP A 348 38.90 2.59 -11.08
CA TRP A 348 38.34 3.70 -10.32
C TRP A 348 39.25 4.92 -10.38
N SER A 349 39.48 5.38 -11.62
CA SER A 349 40.12 6.65 -11.93
C SER A 349 39.25 7.78 -11.40
N PRO A 350 39.77 9.00 -11.30
CA PRO A 350 38.94 10.11 -10.77
C PRO A 350 37.66 10.40 -11.56
N ASP A 351 37.59 10.08 -12.86
CA ASP A 351 36.34 10.34 -13.56
C ASP A 351 35.30 9.27 -13.25
N ALA A 352 35.74 8.04 -13.04
CA ALA A 352 34.83 6.98 -12.63
C ALA A 352 34.18 7.31 -11.28
N ARG A 353 35.00 7.70 -10.29
CA ARG A 353 34.43 8.01 -8.97
C ARG A 353 33.45 9.17 -9.07
N ALA A 354 33.80 10.20 -9.85
CA ALA A 354 32.94 11.36 -10.05
C ALA A 354 31.65 10.99 -10.77
N PHE A 355 31.67 9.93 -11.60
CA PHE A 355 30.44 9.42 -12.19
C PHE A 355 29.37 9.17 -11.13
N LEU A 356 29.75 8.57 -9.99
CA LEU A 356 28.76 8.29 -8.96
C LEU A 356 28.24 9.57 -8.36
N HIS A 357 29.11 10.56 -8.19
CA HIS A 357 28.68 11.80 -7.55
C HIS A 357 27.68 12.56 -8.40
N ARG A 358 27.91 12.60 -9.75
CA ARG A 358 26.99 13.35 -10.60
C ARG A 358 25.66 12.64 -10.75
N SER A 359 25.66 11.32 -10.96
CA SER A 359 24.38 10.63 -11.02
C SER A 359 23.58 10.87 -9.74
N ALA A 360 24.27 10.90 -8.60
CA ALA A 360 23.66 11.12 -7.29
C ALA A 360 22.94 12.46 -7.26
N HIS A 361 23.62 13.52 -7.68
CA HIS A 361 22.97 14.81 -7.85
C HIS A 361 21.77 14.68 -8.77
N LEU A 362 21.90 13.88 -9.83
CA LEU A 362 20.85 13.82 -10.84
C LEU A 362 19.63 13.07 -10.32
N MET A 363 19.87 12.04 -9.49
CA MET A 363 18.76 11.36 -8.81
C MET A 363 18.01 12.32 -7.87
N ARG A 364 18.75 13.19 -7.19
CA ARG A 364 18.10 14.14 -6.30
C ARG A 364 17.37 15.23 -7.07
N SER A 365 17.90 15.65 -8.22
CA SER A 365 17.17 16.54 -9.11
C SER A 365 15.89 15.88 -9.58
N TRP A 366 15.95 14.59 -9.90
CA TRP A 366 14.76 13.85 -10.29
C TRP A 366 13.73 13.81 -9.16
N THR A 367 14.17 13.45 -7.95
CA THR A 367 13.23 13.43 -6.81
C THR A 367 12.74 14.83 -6.48
N GLY A 368 13.60 15.84 -6.63
CA GLY A 368 13.13 17.21 -6.47
C GLY A 368 11.93 17.51 -7.35
N ALA A 369 12.00 17.10 -8.63
CA ALA A 369 10.89 17.36 -9.55
C ALA A 369 9.63 16.63 -9.12
N LEU A 370 9.75 15.36 -8.74
CA LEU A 370 8.59 14.63 -8.21
C LEU A 370 7.99 15.36 -7.03
N ARG A 371 8.83 15.91 -6.17
CA ARG A 371 8.32 16.63 -5.01
C ARG A 371 7.56 17.88 -5.43
N THR A 372 7.95 18.50 -6.54
CA THR A 372 7.22 19.71 -6.92
C THR A 372 5.84 19.37 -7.46
N VAL A 373 5.73 18.36 -8.33
CA VAL A 373 4.41 17.99 -8.82
C VAL A 373 3.51 17.57 -7.66
N ALA A 374 4.06 16.83 -6.70
CA ALA A 374 3.27 16.34 -5.58
C ALA A 374 3.02 17.40 -4.52
N GLY A 375 3.66 18.57 -4.62
CA GLY A 375 3.37 19.69 -3.77
C GLY A 375 2.22 20.57 -4.23
N THR A 376 1.73 20.37 -5.45
CA THR A 376 0.67 21.21 -6.00
C THR A 376 -0.49 20.37 -6.54
N ASP B 5 -8.72 9.59 -7.22
CA ASP B 5 -9.99 9.98 -6.60
C ASP B 5 -10.42 8.97 -5.52
N ILE B 6 -10.34 9.39 -4.25
CA ILE B 6 -10.62 8.52 -3.11
C ILE B 6 -12.13 8.41 -2.92
N SER B 7 -12.62 7.19 -2.83
CA SER B 7 -14.02 6.96 -2.49
C SER B 7 -14.15 6.63 -1.00
N THR B 8 -15.22 7.10 -0.39
CA THR B 8 -15.49 6.87 1.02
C THR B 8 -16.92 6.39 1.19
N ALA B 9 -17.10 5.34 1.99
CA ALA B 9 -18.43 4.89 2.41
C ALA B 9 -18.55 5.10 3.90
N VAL B 10 -19.62 5.79 4.31
CA VAL B 10 -19.95 5.97 5.73
C VAL B 10 -20.97 4.91 6.11
N VAL B 11 -20.75 4.25 7.25
CA VAL B 11 -21.54 3.10 7.67
C VAL B 11 -22.23 3.43 8.99
N VAL B 12 -23.55 3.26 9.01
CA VAL B 12 -24.34 3.47 10.21
C VAL B 12 -25.37 2.35 10.34
N THR B 13 -25.58 1.86 11.56
CA THR B 13 -26.70 1.00 11.92
C THR B 13 -27.74 1.84 12.64
N THR B 14 -29.02 1.54 12.43
CA THR B 14 -30.02 2.37 13.11
C THR B 14 -31.31 1.61 13.35
N ILE B 15 -31.98 2.06 14.41
CA ILE B 15 -33.31 1.61 14.83
C ILE B 15 -34.34 2.73 14.71
N SER B 16 -33.92 3.89 14.20
CA SER B 16 -34.65 5.15 14.28
C SER B 16 -35.44 5.42 13.01
N ASP B 17 -36.20 6.53 13.05
CA ASP B 17 -36.61 7.21 11.83
C ASP B 17 -35.45 8.09 11.39
N GLY B 18 -35.26 8.23 10.08
CA GLY B 18 -34.07 8.89 9.59
C GLY B 18 -33.89 10.36 9.96
N GLY B 19 -34.38 10.77 11.13
CA GLY B 19 -34.25 12.17 11.51
C GLY B 19 -32.80 12.64 11.54
N PHE B 20 -31.88 11.75 11.94
CA PHE B 20 -30.45 12.09 11.95
C PHE B 20 -29.91 12.41 10.56
N LEU B 21 -30.54 11.88 9.51
CA LEU B 21 -30.12 12.14 8.14
C LEU B 21 -30.24 13.60 7.78
N ASP B 22 -31.16 14.32 8.43
CA ASP B 22 -31.35 15.74 8.12
C ASP B 22 -30.08 16.52 8.38
N ARG B 23 -29.46 16.33 9.53
CA ARG B 23 -28.26 17.07 9.93
C ARG B 23 -26.96 16.31 9.68
N LEU B 24 -26.99 15.21 8.95
CA LEU B 24 -25.78 14.47 8.60
C LEU B 24 -25.43 14.56 7.13
N ALA B 25 -26.45 14.52 6.26
CA ALA B 25 -26.33 14.56 4.81
C ALA B 25 -25.36 15.63 4.32
N PRO B 26 -25.54 16.95 4.69
CA PRO B 26 -24.69 18.01 4.11
C PRO B 26 -23.21 17.65 3.97
N ALA B 27 -22.55 17.25 5.05
CA ALA B 27 -21.13 16.92 4.94
C ALA B 27 -20.90 15.76 3.97
N LEU B 28 -21.81 14.79 3.97
CA LEU B 28 -21.55 13.58 3.21
C LEU B 28 -21.81 13.79 1.71
N ARG B 29 -22.91 14.45 1.36
CA ARG B 29 -23.21 14.61 -0.06
C ARG B 29 -22.29 15.64 -0.71
N ASP B 30 -21.82 16.65 0.04
CA ASP B 30 -20.96 17.63 -0.59
C ASP B 30 -19.56 17.10 -0.84
N ALA B 31 -19.10 16.10 -0.08
CA ALA B 31 -17.87 15.39 -0.38
C ALA B 31 -18.09 14.15 -1.23
N GLY B 32 -19.32 13.92 -1.69
CA GLY B 32 -19.60 12.80 -2.57
C GLY B 32 -19.37 11.43 -1.97
N ALA B 33 -19.46 11.31 -0.64
CA ALA B 33 -19.34 10.02 0.04
C ALA B 33 -20.62 9.20 -0.14
N ARG B 34 -20.47 7.89 -0.03
CA ARG B 34 -21.63 7.04 0.10
C ARG B 34 -21.97 6.87 1.59
N LEU B 35 -23.25 6.88 1.88
CA LEU B 35 -23.77 6.60 3.21
C LEU B 35 -24.50 5.28 3.17
N ILE B 36 -24.00 4.28 3.90
CA ILE B 36 -24.63 2.98 3.99
C ILE B 36 -25.34 2.89 5.33
N VAL B 37 -26.66 2.73 5.29
CA VAL B 37 -27.49 2.67 6.49
C VAL B 37 -27.94 1.23 6.66
N ILE B 38 -27.59 0.60 7.79
CA ILE B 38 -27.96 -0.80 8.03
C ILE B 38 -29.13 -0.89 9.01
N PRO B 39 -30.35 -1.11 8.54
CA PRO B 39 -31.48 -1.26 9.46
C PRO B 39 -31.51 -2.67 10.05
N ASP B 40 -32.48 -2.89 10.93
CA ASP B 40 -32.63 -4.14 11.67
C ASP B 40 -34.11 -4.56 11.61
N ARG B 41 -34.41 -5.77 12.09
CA ARG B 41 -35.80 -6.23 12.19
C ARG B 41 -36.71 -5.18 12.80
N ASN B 42 -36.24 -4.53 13.85
CA ASN B 42 -37.00 -3.59 14.65
C ASN B 42 -37.04 -2.18 14.06
N THR B 43 -36.81 -2.04 12.77
CA THR B 43 -36.72 -0.70 12.17
C THR B 43 -38.04 -0.39 11.49
N GLY B 44 -38.55 0.82 11.73
CA GLY B 44 -39.80 1.26 11.16
C GLY B 44 -39.67 1.82 9.77
N PRO B 45 -40.78 1.90 9.05
CA PRO B 45 -40.74 2.31 7.63
C PRO B 45 -40.41 3.77 7.42
N ALA B 46 -40.37 4.58 8.49
CA ALA B 46 -39.95 5.97 8.32
C ALA B 46 -38.53 6.05 7.77
N LEU B 47 -37.63 5.21 8.28
CA LEU B 47 -36.22 5.29 7.88
C LEU B 47 -36.05 5.12 6.38
N PHE B 48 -36.77 4.17 5.78
CA PHE B 48 -36.61 3.92 4.34
C PHE B 48 -37.14 5.09 3.53
N ALA B 49 -38.33 5.58 3.87
CA ALA B 49 -38.85 6.79 3.25
C ALA B 49 -37.86 7.94 3.42
N ALA B 50 -37.25 8.05 4.59
CA ALA B 50 -36.32 9.15 4.85
C ALA B 50 -35.07 9.06 3.97
N CYS B 51 -34.51 7.84 3.78
CA CYS B 51 -33.37 7.69 2.88
C CYS B 51 -33.71 8.13 1.48
N GLU B 52 -34.75 7.53 0.89
CA GLU B 52 -35.06 7.80 -0.50
C GLU B 52 -35.39 9.27 -0.71
N ARG B 53 -35.96 9.93 0.29
CA ARG B 53 -36.11 11.38 0.20
C ARG B 53 -34.74 12.04 0.15
N HIS B 54 -33.85 11.66 1.06
CA HIS B 54 -32.50 12.20 1.06
C HIS B 54 -31.72 11.77 -0.19
N ARG B 55 -32.06 10.62 -0.77
CA ARG B 55 -31.45 10.22 -2.04
C ARG B 55 -31.83 11.19 -3.15
N ARG B 56 -33.10 11.54 -3.24
CA ARG B 56 -33.55 12.45 -4.27
C ARG B 56 -32.90 13.83 -4.16
N LEU B 57 -32.48 14.22 -2.96
CA LEU B 57 -31.77 15.48 -2.75
C LEU B 57 -30.27 15.36 -3.02
N GLY B 58 -29.84 14.30 -3.73
CA GLY B 58 -28.44 14.17 -4.10
C GLY B 58 -27.69 13.04 -3.40
N LEU B 59 -27.72 13.03 -2.07
CA LEU B 59 -26.90 12.13 -1.29
C LEU B 59 -27.10 10.67 -1.67
N ASP B 60 -25.98 9.96 -1.84
CA ASP B 60 -25.90 8.55 -2.24
C ASP B 60 -26.19 7.67 -1.03
N VAL B 61 -27.48 7.39 -0.75
CA VAL B 61 -27.89 6.57 0.38
C VAL B 61 -28.33 5.21 -0.11
N VAL B 62 -27.68 4.17 0.40
CA VAL B 62 -28.14 2.81 0.30
C VAL B 62 -28.63 2.39 1.69
N CYS B 63 -29.64 1.52 1.70
CA CYS B 63 -30.30 1.12 2.94
C CYS B 63 -30.93 -0.26 2.74
N PRO B 64 -30.11 -1.30 2.59
CA PRO B 64 -30.65 -2.61 2.22
C PRO B 64 -31.66 -3.11 3.25
N SER B 65 -32.77 -3.66 2.75
CA SER B 65 -33.72 -4.35 3.59
C SER B 65 -33.03 -5.43 4.39
N VAL B 66 -33.69 -5.86 5.47
CA VAL B 66 -33.20 -7.03 6.18
C VAL B 66 -33.22 -8.24 5.26
N ALA B 67 -34.18 -8.30 4.34
CA ALA B 67 -34.25 -9.42 3.40
C ALA B 67 -33.08 -9.41 2.42
N GLU B 68 -32.70 -8.21 1.94
CA GLU B 68 -31.51 -8.10 1.09
C GLU B 68 -30.25 -8.45 1.88
N GLN B 69 -30.14 -7.91 3.10
CA GLN B 69 -29.05 -8.25 4.00
C GLN B 69 -28.87 -9.77 4.09
N GLN B 70 -29.95 -10.48 4.42
CA GLN B 70 -29.80 -11.92 4.62
C GLN B 70 -29.44 -12.64 3.33
N ASP B 71 -29.89 -12.14 2.17
CA ASP B 71 -29.54 -12.80 0.91
C ASP B 71 -28.06 -12.67 0.61
N LEU B 72 -27.48 -11.51 0.87
CA LEU B 72 -26.04 -11.37 0.76
C LEU B 72 -25.32 -12.37 1.66
N LEU B 73 -25.84 -12.55 2.87
CA LEU B 73 -25.13 -13.36 3.85
C LEU B 73 -25.26 -14.85 3.54
N GLU B 74 -26.42 -15.29 3.05
CA GLU B 74 -26.54 -16.70 2.67
C GLU B 74 -25.70 -16.99 1.43
N ARG B 75 -25.55 -16.01 0.55
CA ARG B 75 -24.70 -16.17 -0.62
C ARG B 75 -23.24 -16.40 -0.20
N LEU B 76 -22.83 -15.83 0.93
CA LEU B 76 -21.47 -15.95 1.43
C LEU B 76 -21.30 -17.06 2.46
N ALA B 77 -22.27 -17.96 2.58
CA ALA B 77 -22.17 -19.10 3.49
C ALA B 77 -21.88 -18.66 4.92
N VAL B 78 -22.39 -17.49 5.29
CA VAL B 78 -22.36 -17.04 6.67
C VAL B 78 -23.75 -16.56 7.08
N PRO B 79 -24.79 -17.41 7.05
CA PRO B 79 -26.14 -16.92 7.39
C PRO B 79 -26.37 -16.65 8.86
N ASP B 80 -25.51 -17.15 9.76
CA ASP B 80 -25.71 -17.01 11.21
C ASP B 80 -24.67 -16.13 11.88
N LEU B 81 -23.82 -15.48 11.10
CA LEU B 81 -22.70 -14.73 11.68
C LEU B 81 -23.20 -13.49 12.42
N ILE B 82 -24.08 -12.73 11.79
CA ILE B 82 -24.47 -11.40 12.25
C ILE B 82 -25.87 -11.51 12.84
N PRO B 83 -26.05 -11.28 14.13
CA PRO B 83 -27.38 -11.44 14.75
C PRO B 83 -28.29 -10.27 14.43
N TYR B 84 -29.56 -10.49 14.69
CA TYR B 84 -30.53 -9.43 14.54
C TYR B 84 -30.82 -8.81 15.90
N HIS B 85 -31.38 -7.61 15.88
CA HIS B 85 -31.69 -6.82 17.08
C HIS B 85 -30.41 -6.35 17.76
N SER B 86 -29.42 -5.94 16.98
CA SER B 86 -28.14 -5.58 17.55
C SER B 86 -27.36 -4.71 16.58
N ASP B 87 -26.66 -3.72 17.14
CA ASP B 87 -25.78 -2.88 16.35
C ASP B 87 -24.57 -3.64 15.79
N ASN B 88 -24.46 -4.96 16.02
CA ASN B 88 -23.51 -5.77 15.28
C ASN B 88 -23.76 -5.72 13.77
N ARG B 89 -24.98 -5.36 13.34
CA ARG B 89 -25.35 -5.32 11.93
C ARG B 89 -24.55 -4.28 11.16
N ARG B 90 -23.90 -3.33 11.84
CA ARG B 90 -22.94 -2.47 11.14
C ARG B 90 -21.92 -3.31 10.35
N ASN B 91 -21.67 -4.55 10.79
CA ASN B 91 -20.78 -5.44 10.05
C ASN B 91 -21.25 -5.62 8.61
N VAL B 92 -22.56 -5.53 8.37
CA VAL B 92 -23.10 -5.64 7.02
C VAL B 92 -22.68 -4.43 6.19
N GLY B 93 -22.69 -3.25 6.80
CA GLY B 93 -22.19 -2.07 6.10
C GLY B 93 -20.72 -2.19 5.77
N TYR B 94 -19.93 -2.74 6.71
CA TYR B 94 -18.50 -2.96 6.46
C TYR B 94 -18.29 -3.87 5.26
N LEU B 95 -18.96 -5.02 5.27
CA LEU B 95 -18.85 -5.96 4.15
C LEU B 95 -19.26 -5.31 2.84
N MET B 96 -20.37 -4.57 2.84
CA MET B 96 -20.84 -3.99 1.60
C MET B 96 -19.87 -2.94 1.09
N ALA B 97 -19.40 -2.05 1.99
CA ALA B 97 -18.45 -1.04 1.55
C ALA B 97 -17.21 -1.69 0.98
N TRP B 98 -16.88 -2.87 1.48
CA TRP B 98 -15.65 -3.53 1.10
C TRP B 98 -15.83 -4.35 -0.19
N MET B 99 -17.00 -4.96 -0.38
CA MET B 99 -17.34 -5.54 -1.68
C MET B 99 -17.39 -4.47 -2.76
N GLU B 100 -18.09 -3.37 -2.50
CA GLU B 100 -18.24 -2.34 -3.53
C GLU B 100 -16.94 -1.64 -3.85
N GLY B 101 -15.91 -1.80 -3.04
CA GLY B 101 -14.58 -1.38 -3.41
C GLY B 101 -14.15 0.01 -2.96
N PHE B 102 -14.78 0.55 -1.92
CA PHE B 102 -14.39 1.88 -1.45
C PHE B 102 -12.98 1.83 -0.84
N ASP B 103 -12.30 2.99 -0.87
CA ASP B 103 -10.97 3.09 -0.28
C ASP B 103 -11.02 3.28 1.22
N VAL B 104 -12.03 4.02 1.69
CA VAL B 104 -12.18 4.43 3.07
C VAL B 104 -13.53 3.98 3.58
N ILE B 105 -13.54 3.26 4.69
CA ILE B 105 -14.76 2.98 5.41
C ILE B 105 -14.74 3.84 6.68
N VAL B 106 -15.80 4.62 6.87
CA VAL B 106 -15.94 5.47 8.04
C VAL B 106 -17.11 4.91 8.86
N SER B 107 -16.80 4.43 10.05
CA SER B 107 -17.81 3.84 10.92
C SER B 107 -18.38 4.95 11.80
N MET B 108 -19.72 5.06 11.84
CA MET B 108 -20.39 6.12 12.60
C MET B 108 -21.61 5.59 13.35
N ASP B 109 -21.84 6.19 14.54
CA ASP B 109 -23.10 6.07 15.25
C ASP B 109 -24.20 6.90 14.55
N ASP B 110 -25.46 6.50 14.75
CA ASP B 110 -26.57 7.30 14.24
C ASP B 110 -26.92 8.49 15.15
N ASP B 111 -25.94 9.03 15.86
CA ASP B 111 -26.19 10.21 16.70
C ASP B 111 -25.09 11.26 16.64
N ASN B 112 -23.90 10.91 16.16
CA ASN B 112 -22.83 11.86 15.92
C ASN B 112 -23.10 12.64 14.64
N LEU B 113 -22.70 13.91 14.64
CA LEU B 113 -22.75 14.73 13.44
C LEU B 113 -21.42 15.44 13.24
N PRO B 114 -20.94 15.55 12.01
CA PRO B 114 -19.74 16.35 11.75
C PRO B 114 -19.91 17.76 12.28
N THR B 115 -18.77 18.36 12.66
CA THR B 115 -18.72 19.76 13.06
C THR B 115 -17.96 20.61 12.06
N THR B 116 -17.52 20.03 10.94
CA THR B 116 -16.68 20.74 9.99
C THR B 116 -17.02 20.27 8.60
N ASP B 117 -16.75 21.11 7.63
CA ASP B 117 -17.02 20.71 6.26
C ASP B 117 -15.99 19.71 5.74
N ASP B 118 -14.78 19.73 6.31
CA ASP B 118 -13.71 18.78 5.95
C ASP B 118 -13.82 17.42 6.66
N PHE B 119 -15.00 17.04 7.14
CA PHE B 119 -15.16 15.77 7.84
C PHE B 119 -14.66 14.62 6.98
N VAL B 120 -15.10 14.58 5.71
CA VAL B 120 -14.74 13.48 4.82
C VAL B 120 -13.28 13.60 4.38
N GLU B 121 -12.85 14.81 4.01
CA GLU B 121 -11.45 15.01 3.63
C GLU B 121 -10.52 14.59 4.77
N ARG B 122 -10.75 15.13 5.97
CA ARG B 122 -9.89 14.81 7.11
C ARG B 122 -9.80 13.32 7.35
N HIS B 123 -10.89 12.57 7.10
CA HIS B 123 -10.82 11.14 7.31
C HIS B 123 -10.03 10.43 6.20
N GLN B 124 -9.81 11.08 5.04
CA GLN B 124 -9.02 10.49 3.97
C GLN B 124 -7.52 10.39 4.29
N VAL B 125 -7.08 10.91 5.46
CA VAL B 125 -5.71 10.77 5.91
C VAL B 125 -5.27 9.31 5.93
N VAL B 126 -6.23 8.41 6.05
CA VAL B 126 -6.01 6.98 5.95
C VAL B 126 -5.57 6.55 4.56
N CYS B 127 -5.70 7.43 3.57
CA CYS B 127 -5.27 7.14 2.20
C CYS B 127 -3.96 7.83 1.84
N GLN B 128 -3.42 8.66 2.73
CA GLN B 128 -2.00 8.95 2.71
C GLN B 128 -1.23 7.65 2.84
N GLY B 129 -0.13 7.54 2.13
CA GLY B 129 0.67 6.35 2.27
C GLY B 129 1.71 6.50 3.34
N PRO B 130 2.75 5.65 3.30
CA PRO B 130 3.85 5.77 4.26
C PRO B 130 4.69 7.02 3.98
N ARG B 131 4.93 7.79 5.04
CA ARG B 131 5.84 8.93 5.01
C ARG B 131 6.51 9.01 6.37
N THR B 132 7.73 9.52 6.40
CA THR B 132 8.34 9.84 7.68
C THR B 132 7.63 11.05 8.26
N GLN B 133 7.26 10.97 9.54
CA GLN B 133 6.31 11.93 10.08
C GLN B 133 6.43 11.94 11.61
N PRO B 134 5.91 12.99 12.26
CA PRO B 134 5.90 13.02 13.74
C PRO B 134 5.05 11.90 14.31
N VAL B 135 5.66 11.10 15.17
CA VAL B 135 5.04 9.91 15.72
C VAL B 135 5.13 10.00 17.25
N THR B 136 4.04 9.69 17.95
CA THR B 136 3.97 9.88 19.40
C THR B 136 4.11 8.55 20.13
N ALA B 137 5.09 8.48 21.01
CA ALA B 137 5.32 7.30 21.85
C ALA B 137 5.10 7.65 23.33
N SER B 138 4.86 6.62 24.13
CA SER B 138 4.59 6.81 25.55
C SER B 138 5.28 5.70 26.32
N SER B 139 6.04 6.05 27.36
CA SER B 139 6.93 5.09 28.01
C SER B 139 6.18 3.90 28.60
N ASP B 140 4.90 4.04 28.91
CA ASP B 140 4.14 2.93 29.46
C ASP B 140 3.34 2.17 28.40
N GLY B 141 3.40 2.58 27.14
CA GLY B 141 2.72 1.86 26.07
C GLY B 141 1.25 2.17 25.87
N TRP B 142 0.75 3.26 26.45
CA TRP B 142 -0.63 3.68 26.33
C TRP B 142 -0.65 5.17 26.06
N PHE B 143 -1.60 5.59 25.28
CA PHE B 143 -1.79 7.01 25.08
C PHE B 143 -3.24 7.29 25.40
N ASN B 144 -3.50 8.40 26.09
CA ASN B 144 -4.87 8.78 26.48
C ASN B 144 -5.36 9.80 25.46
N ASN B 145 -6.17 9.35 24.51
CA ASN B 145 -6.59 10.29 23.48
C ASN B 145 -7.46 11.42 24.06
N CYS B 146 -8.11 11.21 25.22
CA CYS B 146 -8.94 12.26 25.81
C CYS B 146 -8.13 13.44 26.33
N ALA B 147 -6.85 13.25 26.63
CA ALA B 147 -5.96 14.39 26.87
C ALA B 147 -5.90 15.37 25.70
N LEU B 148 -6.33 14.95 24.51
CA LEU B 148 -6.35 15.87 23.38
C LEU B 148 -7.50 16.87 23.44
N LEU B 149 -8.43 16.70 24.38
CA LEU B 149 -9.59 17.56 24.54
C LEU B 149 -9.54 18.32 25.85
N GLU B 150 -10.38 19.35 25.97
CA GLU B 150 -10.58 20.04 27.23
C GLU B 150 -11.87 19.50 27.83
N VAL B 151 -11.73 18.72 28.88
CA VAL B 151 -12.83 18.00 29.50
C VAL B 151 -13.02 18.58 30.90
N GLU B 152 -14.27 18.79 31.28
CA GLU B 152 -14.36 19.90 32.22
C GLU B 152 -14.19 19.55 33.69
N PRO B 153 -14.98 18.65 34.28
CA PRO B 153 -14.84 18.51 35.74
C PRO B 153 -13.43 18.15 36.06
N THR B 154 -12.89 17.16 35.36
CA THR B 154 -11.52 16.72 35.55
C THR B 154 -11.16 15.74 34.42
N GLU B 155 -9.94 15.22 34.47
CA GLU B 155 -9.35 14.42 33.38
C GLU B 155 -10.00 13.05 33.26
N VAL B 156 -10.17 12.56 32.03
CA VAL B 156 -10.82 11.28 31.79
C VAL B 156 -10.01 10.44 30.81
N PHE B 157 -10.30 9.11 30.82
CA PHE B 157 -9.76 8.09 29.93
C PHE B 157 -10.86 7.56 29.02
N PRO B 158 -10.53 7.21 27.78
CA PRO B 158 -11.57 6.72 26.88
C PRO B 158 -12.12 5.37 27.31
N ARG B 159 -13.37 5.11 26.90
CA ARG B 159 -13.91 3.77 27.07
C ARG B 159 -12.94 2.74 26.48
N GLY B 160 -12.68 1.69 27.25
CA GLY B 160 -11.80 0.64 26.81
C GLY B 160 -10.36 0.85 27.21
N PHE B 161 -10.02 2.03 27.71
CA PHE B 161 -8.68 2.22 28.23
C PHE B 161 -8.47 1.36 29.47
N PRO B 162 -7.42 0.54 29.51
CA PRO B 162 -7.28 -0.45 30.58
C PRO B 162 -7.12 0.22 31.94
N PHE B 163 -7.63 -0.43 33.00
CA PHE B 163 -7.71 0.21 34.32
C PHE B 163 -6.40 0.13 35.12
N HIS B 164 -5.73 -1.02 35.15
CA HIS B 164 -4.46 -1.15 35.87
C HIS B 164 -3.40 -0.12 35.47
N ALA B 165 -3.49 0.44 34.28
CA ALA B 165 -2.49 1.38 33.83
C ALA B 165 -2.83 2.83 34.18
N ARG B 166 -4.10 3.14 34.45
CA ARG B 166 -4.51 4.52 34.68
C ARG B 166 -3.82 5.23 35.85
N PRO B 167 -3.60 4.62 37.02
CA PRO B 167 -2.97 5.38 38.13
C PRO B 167 -1.49 5.71 37.91
N ALA B 168 -0.77 5.05 37.01
CA ALA B 168 0.62 5.42 36.75
C ALA B 168 0.83 6.20 35.44
N HIS B 169 -0.20 6.27 34.58
CA HIS B 169 -0.05 6.93 33.28
C HIS B 169 0.36 8.39 33.43
N ALA B 170 -0.02 9.04 34.52
CA ALA B 170 0.31 10.44 34.69
C ALA B 170 1.81 10.67 34.80
N GLN B 171 2.56 9.61 35.14
CA GLN B 171 4.01 9.64 35.30
C GLN B 171 4.77 9.17 34.07
N ALA B 172 4.07 8.69 33.04
CA ALA B 172 4.75 8.17 31.86
C ALA B 172 5.33 9.32 31.03
N ARG B 173 6.35 9.00 30.24
CA ARG B 173 6.98 9.97 29.36
C ARG B 173 6.30 9.89 28.00
N THR B 174 5.89 11.04 27.47
CA THR B 174 5.35 11.13 26.11
C THR B 174 6.41 11.80 25.24
N SER B 175 6.80 11.13 24.16
CA SER B 175 7.83 11.63 23.26
C SER B 175 7.30 11.65 21.84
N VAL B 176 7.75 12.63 21.05
CA VAL B 176 7.42 12.73 19.63
C VAL B 176 8.72 12.66 18.83
N CYS B 177 8.76 11.76 17.85
CA CYS B 177 9.95 11.52 17.03
C CYS B 177 9.53 11.42 15.57
N GLU B 178 10.43 11.82 14.68
CA GLU B 178 10.23 11.70 13.23
C GLU B 178 10.60 10.28 12.80
N ARG B 179 9.61 9.50 12.39
CA ARG B 179 9.78 8.10 12.03
C ARG B 179 8.85 7.79 10.89
N PRO B 180 9.17 6.78 10.08
CA PRO B 180 8.21 6.34 9.07
C PRO B 180 6.97 5.77 9.73
N ALA B 181 5.80 6.21 9.27
CA ALA B 181 4.52 5.61 9.65
C ALA B 181 3.61 5.56 8.43
N ASP B 182 2.66 4.63 8.44
CA ASP B 182 1.62 4.52 7.41
C ASP B 182 0.26 4.45 8.12
N VAL B 183 -0.39 5.60 8.28
CA VAL B 183 -1.68 5.66 8.97
C VAL B 183 -2.73 4.88 8.18
N ARG B 184 -3.32 3.86 8.80
CA ARG B 184 -4.42 3.12 8.19
C ARG B 184 -5.69 3.14 9.02
N ILE B 185 -5.69 3.82 10.17
CA ILE B 185 -6.86 3.90 11.04
C ILE B 185 -6.87 5.31 11.62
N ASN B 186 -7.96 6.04 11.45
CA ASN B 186 -8.06 7.40 11.97
C ASN B 186 -9.26 7.48 12.92
N ALA B 187 -8.98 7.64 14.22
CA ALA B 187 -10.05 7.74 15.21
C ALA B 187 -10.36 9.22 15.44
N GLY B 188 -11.45 9.70 14.84
CA GLY B 188 -11.91 11.06 15.11
C GLY B 188 -12.50 11.18 16.49
N LEU B 189 -12.32 12.37 17.08
CA LEU B 189 -12.74 12.63 18.45
C LEU B 189 -14.16 13.20 18.50
N TRP B 190 -14.61 13.53 19.70
CA TRP B 190 -16.02 13.74 20.03
C TRP B 190 -16.17 14.95 20.94
N LEU B 191 -16.99 15.92 20.54
CA LEU B 191 -17.30 17.04 21.41
C LEU B 191 -18.61 16.76 22.14
N GLY B 192 -18.75 17.35 23.31
CA GLY B 192 -19.97 17.13 24.10
C GLY B 192 -19.79 15.99 25.11
N ASP B 193 -20.54 14.91 24.89
CA ASP B 193 -20.41 13.72 25.71
C ASP B 193 -19.38 12.79 25.10
N PRO B 194 -18.18 12.73 25.65
CA PRO B 194 -17.10 11.95 25.04
C PRO B 194 -17.30 10.45 25.30
N ASP B 195 -16.45 9.64 24.66
CA ASP B 195 -16.61 8.18 24.70
C ASP B 195 -15.79 7.62 25.87
N VAL B 196 -16.35 7.76 27.07
CA VAL B 196 -15.78 7.16 28.25
C VAL B 196 -16.61 5.93 28.58
N ASP B 197 -16.08 5.07 29.46
CA ASP B 197 -16.91 3.95 29.88
C ASP B 197 -17.95 4.43 30.88
N ALA B 198 -18.88 3.54 31.20
CA ALA B 198 -20.00 3.93 32.06
C ALA B 198 -19.53 4.29 33.46
N ILE B 199 -18.53 3.57 33.97
CA ILE B 199 -17.92 3.91 35.26
C ILE B 199 -17.61 5.40 35.32
N THR B 200 -16.84 5.87 34.34
CA THR B 200 -16.44 7.27 34.27
C THR B 200 -17.64 8.21 34.18
N ARG B 201 -18.61 7.86 33.33
CA ARG B 201 -19.77 8.71 33.13
C ARG B 201 -20.58 8.85 34.42
N LEU B 202 -20.81 7.73 35.11
CA LEU B 202 -21.48 7.77 36.39
C LEU B 202 -20.71 8.61 37.39
N ALA B 203 -19.38 8.53 37.36
CA ALA B 203 -18.60 9.22 38.38
C ALA B 203 -18.54 10.72 38.11
N VAL B 204 -18.03 11.13 36.95
CA VAL B 204 -17.74 12.54 36.73
C VAL B 204 -18.61 13.18 35.67
N ARG B 205 -19.41 12.39 34.94
CA ARG B 205 -20.31 12.91 33.91
C ARG B 205 -19.62 13.91 32.96
N PRO B 206 -18.48 13.54 32.38
CA PRO B 206 -17.60 14.55 31.78
C PRO B 206 -18.23 15.22 30.57
N ASN B 207 -17.74 16.44 30.31
CA ASN B 207 -18.22 17.27 29.22
C ASN B 207 -17.02 17.76 28.42
N ALA B 208 -17.08 17.61 27.09
CA ALA B 208 -15.94 17.89 26.21
C ALA B 208 -16.20 19.18 25.44
N LEU B 209 -15.50 20.25 25.82
CA LEU B 209 -15.77 21.57 25.27
C LEU B 209 -15.08 21.78 23.93
N ALA B 210 -13.87 21.27 23.77
CA ALA B 210 -13.09 21.63 22.60
C ALA B 210 -11.98 20.62 22.37
N HIS B 211 -11.54 20.52 21.12
CA HIS B 211 -10.41 19.70 20.69
C HIS B 211 -9.19 20.61 20.62
N SER B 212 -8.45 20.68 21.71
CA SER B 212 -7.35 21.64 21.81
C SER B 212 -5.97 21.04 21.58
N GLY B 213 -5.86 19.72 21.48
CA GLY B 213 -4.55 19.08 21.39
C GLY B 213 -4.09 18.66 20.01
N GLY B 214 -4.83 19.00 18.95
CA GLY B 214 -4.39 18.55 17.63
C GLY B 214 -4.51 17.04 17.47
N SER B 215 -3.73 16.50 16.54
CA SER B 215 -3.79 15.10 16.18
C SER B 215 -2.44 14.43 16.43
N VAL B 216 -2.47 13.10 16.60
CA VAL B 216 -1.26 12.33 16.87
C VAL B 216 -1.29 11.04 16.07
N VAL B 217 -0.11 10.46 15.87
CA VAL B 217 0.01 9.14 15.27
C VAL B 217 0.87 8.31 16.20
N LEU B 218 0.35 7.17 16.65
CA LEU B 218 0.97 6.41 17.73
C LEU B 218 2.10 5.52 17.20
N ALA B 219 3.24 5.57 17.88
CA ALA B 219 4.37 4.70 17.62
C ALA B 219 4.01 3.23 17.84
N GLU B 220 4.79 2.37 17.20
CA GLU B 220 4.66 0.95 17.45
C GLU B 220 4.85 0.67 18.93
N GLY B 221 3.92 -0.05 19.54
CA GLY B 221 3.98 -0.33 20.95
C GLY B 221 3.25 0.65 21.83
N THR B 222 2.56 1.63 21.26
CA THR B 222 1.72 2.56 22.01
C THR B 222 0.28 2.34 21.58
N TRP B 223 -0.56 1.85 22.49
CA TRP B 223 -1.95 1.56 22.15
C TRP B 223 -2.88 2.60 22.77
N CYS B 224 -4.12 2.64 22.26
CA CYS B 224 -5.22 3.45 22.78
C CYS B 224 -6.51 2.93 22.15
N PRO B 225 -7.58 2.79 22.93
CA PRO B 225 -8.79 2.18 22.37
C PRO B 225 -9.25 2.98 21.16
N VAL B 226 -9.90 2.28 20.22
CA VAL B 226 -10.41 2.87 18.99
C VAL B 226 -11.87 2.43 18.89
N ASN B 227 -12.79 3.38 18.87
CA ASN B 227 -14.18 2.98 18.81
C ASN B 227 -14.64 2.94 17.34
N SER B 228 -15.90 2.54 17.13
CA SER B 228 -16.49 2.53 15.80
C SER B 228 -17.54 3.63 15.69
N GLN B 229 -17.32 4.74 16.38
CA GLN B 229 -18.30 5.83 16.42
C GLN B 229 -17.98 6.97 15.46
N ASN B 230 -16.69 7.18 15.17
CA ASN B 230 -16.25 8.22 14.23
C ASN B 230 -14.87 7.87 13.71
N THR B 231 -14.78 6.77 12.95
CA THR B 231 -13.52 6.08 12.71
C THR B 231 -13.38 5.64 11.26
N ALA B 232 -12.41 6.21 10.58
CA ALA B 232 -12.10 5.84 9.20
C ALA B 232 -11.11 4.67 9.19
N VAL B 233 -11.39 3.67 8.37
CA VAL B 233 -10.49 2.53 8.21
C VAL B 233 -10.23 2.36 6.72
N HIS B 234 -8.94 2.28 6.37
CA HIS B 234 -8.55 2.02 4.99
C HIS B 234 -8.96 0.60 4.59
N ARG B 235 -9.41 0.46 3.34
CA ARG B 235 -10.08 -0.78 2.95
C ARG B 235 -9.23 -2.01 3.20
N ASP B 236 -7.89 -1.86 3.24
CA ASP B 236 -7.02 -3.01 3.49
C ASP B 236 -7.09 -3.48 4.94
N ALA B 237 -7.20 -2.55 5.90
CA ALA B 237 -7.33 -2.94 7.31
C ALA B 237 -8.74 -3.37 7.70
N LEU B 238 -9.74 -3.14 6.84
CA LEU B 238 -11.14 -3.46 7.12
C LEU B 238 -11.35 -4.93 7.49
N PRO B 239 -10.57 -5.89 6.97
CA PRO B 239 -10.71 -7.27 7.45
C PRO B 239 -10.46 -7.46 8.94
N ALA B 240 -9.66 -6.60 9.57
CA ALA B 240 -9.32 -6.74 10.97
C ALA B 240 -10.28 -5.97 11.86
N TYR B 241 -11.35 -5.43 11.27
CA TYR B 241 -12.21 -4.47 11.93
C TYR B 241 -13.61 -5.03 12.16
N TYR B 242 -13.78 -6.34 12.07
CA TYR B 242 -15.03 -7.00 12.44
C TYR B 242 -15.46 -6.57 13.85
N PHE B 243 -16.72 -6.14 13.96
CA PHE B 243 -17.33 -5.64 15.20
C PHE B 243 -17.81 -6.85 15.99
N LEU B 244 -17.15 -7.13 17.11
CA LEU B 244 -17.35 -8.39 17.82
C LEU B 244 -18.78 -8.58 18.31
N ARG B 245 -19.24 -9.82 18.28
CA ARG B 245 -20.57 -10.14 18.75
C ARG B 245 -20.62 -10.06 20.28
N MET B 246 -21.63 -9.41 20.82
CA MET B 246 -21.76 -9.33 22.28
C MET B 246 -22.70 -10.43 22.77
N GLY B 247 -22.85 -10.50 24.09
CA GLY B 247 -23.80 -11.41 24.71
C GLY B 247 -23.19 -12.59 25.44
N GLN B 248 -21.90 -12.88 25.29
CA GLN B 248 -21.33 -13.97 26.04
C GLN B 248 -21.35 -13.63 27.53
N PRO B 249 -21.69 -14.59 28.40
CA PRO B 249 -21.60 -14.35 29.84
C PRO B 249 -20.18 -14.50 30.38
N VAL B 250 -19.83 -13.57 31.26
CA VAL B 250 -18.64 -13.66 32.08
C VAL B 250 -19.13 -13.88 33.50
N ASP B 251 -18.91 -15.07 34.05
CA ASP B 251 -19.44 -15.41 35.36
C ASP B 251 -20.97 -15.28 35.35
N GLY B 252 -21.59 -15.71 34.25
CA GLY B 252 -23.03 -15.71 34.17
C GLY B 252 -23.68 -14.38 33.82
N VAL B 253 -22.93 -13.30 33.68
CA VAL B 253 -23.50 -12.00 33.29
C VAL B 253 -23.16 -11.73 31.83
N PRO B 254 -24.14 -11.46 30.98
CA PRO B 254 -23.83 -11.23 29.56
C PRO B 254 -23.11 -9.90 29.37
N MET B 255 -22.05 -9.94 28.59
CA MET B 255 -21.27 -8.77 28.23
C MET B 255 -22.00 -7.98 27.14
N GLU B 256 -21.85 -6.66 27.15
CA GLU B 256 -22.43 -5.86 26.06
C GLU B 256 -21.65 -4.57 25.92
N ARG B 257 -21.82 -3.91 24.77
CA ARG B 257 -21.33 -2.55 24.51
C ARG B 257 -19.84 -2.46 24.25
N PHE B 258 -19.11 -3.57 24.17
CA PHE B 258 -17.66 -3.51 23.96
C PHE B 258 -17.21 -4.05 22.59
N GLY B 259 -18.15 -4.22 21.65
CA GLY B 259 -17.79 -4.80 20.34
C GLY B 259 -16.72 -4.02 19.62
N ASP B 260 -16.86 -2.69 19.57
CA ASP B 260 -15.82 -1.86 18.99
C ASP B 260 -14.62 -1.65 19.91
N ILE B 261 -14.75 -1.98 21.19
CA ILE B 261 -13.54 -1.98 22.02
C ILE B 261 -12.60 -3.11 21.58
N PHE B 262 -13.17 -4.26 21.24
CA PHE B 262 -12.30 -5.35 20.80
C PHE B 262 -11.84 -5.09 19.37
N SER B 263 -12.75 -4.68 18.49
CA SER B 263 -12.37 -4.41 17.10
C SER B 263 -11.33 -3.32 17.00
N GLY B 264 -11.43 -2.29 17.84
CA GLY B 264 -10.44 -1.23 17.82
C GLY B 264 -9.05 -1.70 18.23
N TYR B 265 -8.97 -2.52 19.29
CA TYR B 265 -7.68 -3.11 19.66
C TYR B 265 -7.22 -4.13 18.64
N PHE B 266 -8.16 -4.89 18.06
CA PHE B 266 -7.76 -5.96 17.15
C PHE B 266 -7.18 -5.41 15.85
N VAL B 267 -7.89 -4.49 15.21
CA VAL B 267 -7.39 -3.86 14.00
C VAL B 267 -6.04 -3.20 14.26
N GLN B 268 -5.85 -2.68 15.49
CA GLN B 268 -4.66 -1.94 15.86
C GLN B 268 -3.48 -2.87 16.06
N VAL B 269 -3.72 -4.00 16.72
CA VAL B 269 -2.66 -4.98 16.91
C VAL B 269 -2.27 -5.59 15.57
N CYS B 270 -3.22 -5.71 14.65
CA CYS B 270 -2.92 -6.18 13.31
C CYS B 270 -2.19 -5.11 12.52
N ALA B 271 -2.69 -3.88 12.57
CA ALA B 271 -2.03 -2.77 11.88
C ALA B 271 -0.55 -2.71 12.25
N GLN B 272 -0.24 -2.80 13.55
CA GLN B 272 1.12 -2.58 13.98
C GLN B 272 2.03 -3.75 13.60
N HIS B 273 1.51 -4.98 13.59
CA HIS B 273 2.31 -6.10 13.14
C HIS B 273 2.69 -5.96 11.67
N LEU B 274 1.90 -5.20 10.90
CA LEU B 274 2.13 -4.96 9.48
C LEU B 274 2.76 -3.60 9.21
N GLY B 275 3.29 -2.93 10.23
CA GLY B 275 3.94 -1.65 10.00
C GLY B 275 3.01 -0.49 9.75
N HIS B 276 1.75 -0.59 10.13
CA HIS B 276 0.81 0.51 9.97
C HIS B 276 0.42 1.07 11.33
N ALA B 277 -0.17 2.27 11.32
CA ALA B 277 -0.38 3.06 12.50
C ALA B 277 -1.83 3.54 12.63
N VAL B 278 -2.20 3.84 13.86
CA VAL B 278 -3.46 4.47 14.21
C VAL B 278 -3.20 5.94 14.47
N ARG B 279 -4.11 6.78 14.01
CA ARG B 279 -4.10 8.22 14.21
C ARG B 279 -5.27 8.60 15.12
N PHE B 280 -5.10 9.65 15.92
CA PHE B 280 -6.18 10.20 16.74
C PHE B 280 -6.26 11.70 16.58
N GLY B 281 -7.49 12.22 16.49
CA GLY B 281 -7.68 13.65 16.41
C GLY B 281 -8.85 14.12 15.58
N ASP B 282 -8.59 14.80 14.43
CA ASP B 282 -9.69 15.34 13.64
C ASP B 282 -10.07 14.37 12.52
N PRO B 283 -11.30 14.46 11.98
CA PRO B 283 -12.33 15.46 12.27
C PRO B 283 -13.11 15.06 13.50
N VAL B 284 -13.51 16.03 14.27
CA VAL B 284 -14.26 15.79 15.50
C VAL B 284 -15.75 15.82 15.20
N VAL B 285 -16.49 14.94 15.87
CA VAL B 285 -17.93 14.98 15.84
C VAL B 285 -18.45 15.68 17.09
N GLU B 286 -19.74 16.00 17.09
CA GLU B 286 -20.42 16.38 18.31
C GLU B 286 -21.45 15.32 18.65
N HIS B 287 -21.35 14.78 19.88
CA HIS B 287 -22.18 13.71 20.39
C HIS B 287 -23.02 14.28 21.52
N PRO B 288 -24.34 14.46 21.34
CA PRO B 288 -25.17 15.00 22.43
C PRO B 288 -25.13 14.08 23.63
N ARG B 289 -25.37 14.67 24.81
CA ARG B 289 -25.51 13.85 26.01
C ARG B 289 -26.49 12.73 25.70
N ASN B 290 -27.79 13.06 25.64
CA ASN B 290 -28.85 12.08 25.35
C ASN B 290 -28.65 10.82 26.17
N GLU B 291 -28.88 10.92 27.49
CA GLU B 291 -28.53 9.79 28.38
C GLU B 291 -29.64 8.74 28.47
N HIS B 292 -29.63 7.94 29.54
CA HIS B 292 -30.57 6.84 29.67
C HIS B 292 -30.28 6.17 30.98
N ASP B 293 -30.49 4.86 31.02
CA ASP B 293 -30.15 4.06 32.19
C ASP B 293 -28.63 3.87 32.33
N LEU B 294 -27.97 4.85 32.96
CA LEU B 294 -26.53 4.75 33.16
C LEU B 294 -26.15 3.55 34.02
N LEU B 295 -26.93 3.27 35.07
CA LEU B 295 -26.66 2.07 35.85
C LEU B 295 -26.73 0.81 34.98
N ASP B 296 -27.50 0.84 33.91
CA ASP B 296 -27.61 -0.35 33.07
C ASP B 296 -26.44 -0.49 32.10
N ASP B 297 -26.01 0.63 31.48
CA ASP B 297 -24.73 0.67 30.79
C ASP B 297 -23.64 0.02 31.64
N LEU B 298 -23.60 0.40 32.93
CA LEU B 298 -22.63 -0.18 33.85
C LEU B 298 -22.77 -1.69 33.95
N HIS B 299 -24.01 -2.17 34.13
CA HIS B 299 -24.22 -3.60 34.28
C HIS B 299 -23.77 -4.35 33.05
N LYS B 300 -23.96 -3.74 31.87
CA LYS B 300 -23.58 -4.38 30.62
C LYS B 300 -22.07 -4.37 30.43
N GLU B 301 -21.41 -3.28 30.81
CA GLU B 301 -20.00 -3.13 30.46
C GLU B 301 -19.11 -3.93 31.40
N VAL B 302 -19.48 -3.97 32.69
CA VAL B 302 -18.63 -4.60 33.71
C VAL B 302 -18.10 -5.97 33.28
N PRO B 303 -18.91 -6.88 32.73
CA PRO B 303 -18.36 -8.18 32.29
C PRO B 303 -17.12 -8.07 31.38
N ALA B 304 -17.10 -7.13 30.44
CA ALA B 304 -15.94 -7.04 29.55
C ALA B 304 -14.78 -6.33 30.21
N VAL B 305 -15.08 -5.24 30.94
CA VAL B 305 -14.06 -4.54 31.71
C VAL B 305 -13.30 -5.51 32.61
N ARG B 306 -14.01 -6.50 33.15
CA ARG B 306 -13.36 -7.47 34.02
C ARG B 306 -12.28 -8.27 33.29
N LEU B 307 -12.45 -8.49 31.98
CA LEU B 307 -11.52 -9.33 31.25
C LEU B 307 -10.46 -8.54 30.49
N LEU B 308 -10.76 -7.29 30.12
CA LEU B 308 -10.00 -6.60 29.08
C LEU B 308 -8.54 -6.41 29.45
N ASP B 309 -8.27 -6.16 30.74
CA ASP B 309 -6.89 -5.90 31.16
C ASP B 309 -6.01 -7.14 30.97
N ASP B 310 -6.52 -8.32 31.32
CA ASP B 310 -5.73 -9.53 31.10
C ASP B 310 -5.56 -9.80 29.61
N ILE B 311 -6.61 -9.54 28.82
CA ILE B 311 -6.53 -9.81 27.40
C ILE B 311 -5.47 -8.94 26.75
N LEU B 312 -5.42 -7.66 27.12
CA LEU B 312 -4.47 -6.74 26.50
C LEU B 312 -3.04 -7.07 26.92
N ASP B 313 -2.81 -7.46 28.18
CA ASP B 313 -1.48 -7.87 28.60
C ASP B 313 -0.98 -9.03 27.74
N HIS B 314 -1.80 -10.06 27.58
CA HIS B 314 -1.37 -11.23 26.84
C HIS B 314 -1.17 -10.92 25.37
N LEU B 315 -1.93 -9.97 24.83
CA LEU B 315 -1.77 -9.61 23.42
C LEU B 315 -0.41 -9.02 23.15
N ARG B 316 0.13 -8.25 24.09
CA ARG B 316 1.38 -7.54 23.83
C ARG B 316 2.51 -8.45 23.38
N ASP B 317 2.53 -9.69 23.89
CA ASP B 317 3.73 -10.55 23.65
C ASP B 317 3.39 -11.81 22.86
N HIS B 318 2.21 -11.89 22.27
CA HIS B 318 1.88 -12.98 21.40
C HIS B 318 2.32 -12.59 20.02
N PRO B 319 3.51 -13.00 19.57
CA PRO B 319 3.85 -12.84 18.16
C PRO B 319 2.72 -13.34 17.27
N LEU B 320 2.34 -12.51 16.31
CA LEU B 320 1.40 -12.85 15.24
C LEU B 320 2.14 -13.15 13.93
N GLU B 321 1.40 -13.68 12.96
CA GLU B 321 1.94 -14.02 11.64
C GLU B 321 1.03 -13.46 10.55
N GLY B 322 1.59 -13.24 9.38
CA GLY B 322 0.77 -12.92 8.21
C GLY B 322 1.27 -11.70 7.45
N GLY B 323 0.96 -11.67 6.15
CA GLY B 323 1.40 -10.59 5.27
C GLY B 323 0.33 -9.59 4.91
N ASP B 324 -0.93 -9.88 5.28
CA ASP B 324 -2.04 -8.95 5.09
C ASP B 324 -3.04 -9.13 6.23
N TYR B 325 -4.03 -8.24 6.29
CA TYR B 325 -4.94 -8.17 7.43
C TYR B 325 -5.71 -9.48 7.63
N LEU B 326 -6.23 -10.08 6.55
CA LEU B 326 -6.88 -11.38 6.68
C LEU B 326 -5.95 -12.39 7.35
N GLU B 327 -4.73 -12.52 6.83
CA GLU B 327 -3.77 -13.46 7.42
C GLU B 327 -3.56 -13.14 8.89
N THR B 328 -3.24 -11.88 9.20
CA THR B 328 -2.94 -11.50 10.59
C THR B 328 -4.16 -11.73 11.48
N TYR B 329 -5.33 -11.26 11.04
CA TYR B 329 -6.53 -11.41 11.87
C TYR B 329 -6.80 -12.87 12.20
N GLU B 330 -6.58 -13.78 11.25
CA GLU B 330 -6.75 -15.19 11.56
C GLU B 330 -5.73 -15.62 12.61
N SER B 331 -4.47 -15.24 12.42
CA SER B 331 -3.44 -15.51 13.42
C SER B 331 -3.84 -14.96 14.78
N LEU B 332 -4.41 -13.75 14.79
CA LEU B 332 -4.88 -13.17 16.04
C LEU B 332 -5.98 -14.02 16.67
N SER B 333 -6.91 -14.52 15.87
CA SER B 333 -7.98 -15.34 16.43
C SER B 333 -7.44 -16.64 17.03
N TYR B 334 -6.29 -17.11 16.55
CA TYR B 334 -5.68 -18.30 17.17
C TYR B 334 -4.94 -17.94 18.45
N ALA B 335 -4.32 -16.76 18.49
CA ALA B 335 -3.65 -16.32 19.71
C ALA B 335 -4.66 -16.17 20.84
N LEU B 336 -5.85 -15.69 20.50
CA LEU B 336 -6.91 -15.53 21.50
C LEU B 336 -7.27 -16.86 22.14
N GLN B 337 -7.30 -17.94 21.34
CA GLN B 337 -7.63 -19.25 21.87
C GLN B 337 -6.56 -19.75 22.83
N GLU B 338 -5.28 -19.43 22.58
CA GLU B 338 -4.25 -19.82 23.53
C GLU B 338 -4.27 -18.93 24.77
N ILE B 339 -4.50 -17.62 24.59
CA ILE B 339 -4.71 -16.73 25.73
C ILE B 339 -5.89 -17.19 26.58
N ALA B 340 -6.93 -17.75 25.95
CA ALA B 340 -8.11 -18.16 26.70
C ALA B 340 -7.76 -19.21 27.75
N GLU B 341 -6.68 -19.96 27.51
CA GLU B 341 -6.30 -21.05 28.39
C GLU B 341 -5.18 -20.68 29.37
N ARG B 342 -4.34 -19.71 28.99
CA ARG B 342 -3.18 -19.29 29.77
C ARG B 342 -3.53 -18.29 30.87
N VAL B 343 -4.57 -17.46 30.64
CA VAL B 343 -4.93 -16.42 31.60
C VAL B 343 -5.38 -17.03 32.92
N ASN B 344 -5.21 -16.27 33.99
CA ASN B 344 -5.65 -16.67 35.32
C ASN B 344 -6.31 -15.49 36.01
N GLY B 345 -7.34 -15.78 36.80
CA GLY B 345 -7.99 -14.72 37.55
C GLY B 345 -9.38 -15.11 37.97
N ARG B 346 -9.91 -14.34 38.90
CA ARG B 346 -11.24 -14.66 39.44
C ARG B 346 -12.32 -14.52 38.39
N ALA B 347 -12.17 -13.59 37.44
CA ALA B 347 -13.18 -13.42 36.40
C ALA B 347 -13.12 -14.50 35.33
N TRP B 348 -12.11 -15.36 35.35
CA TRP B 348 -11.91 -16.31 34.27
C TRP B 348 -12.54 -17.67 34.57
N SER B 349 -13.84 -17.63 34.89
CA SER B 349 -14.69 -18.81 34.94
C SER B 349 -14.74 -19.46 33.57
N PRO B 350 -15.24 -20.68 33.46
CA PRO B 350 -15.28 -21.34 32.14
C PRO B 350 -16.06 -20.57 31.08
N ASP B 351 -17.07 -19.78 31.46
CA ASP B 351 -17.80 -19.09 30.38
C ASP B 351 -17.00 -17.94 29.82
N ALA B 352 -16.15 -17.31 30.64
CA ALA B 352 -15.33 -16.21 30.17
C ALA B 352 -14.23 -16.72 29.23
N ARG B 353 -13.62 -17.86 29.54
CA ARG B 353 -12.65 -18.43 28.61
C ARG B 353 -13.32 -18.85 27.32
N ALA B 354 -14.48 -19.50 27.40
CA ALA B 354 -15.20 -19.92 26.21
C ALA B 354 -15.59 -18.72 25.33
N PHE B 355 -15.76 -17.54 25.95
CA PHE B 355 -16.04 -16.33 25.17
C PHE B 355 -14.96 -16.05 24.14
N LEU B 356 -13.69 -16.27 24.51
CA LEU B 356 -12.61 -16.07 23.56
C LEU B 356 -12.68 -17.10 22.45
N HIS B 357 -12.87 -18.37 22.81
CA HIS B 357 -12.91 -19.41 21.79
C HIS B 357 -14.04 -19.17 20.80
N ARG B 358 -15.24 -18.81 21.30
CA ARG B 358 -16.33 -18.56 20.37
C ARG B 358 -16.07 -17.30 19.53
N SER B 359 -15.58 -16.23 20.15
CA SER B 359 -15.25 -15.06 19.33
C SER B 359 -14.19 -15.42 18.30
N ALA B 360 -13.29 -16.34 18.63
CA ALA B 360 -12.23 -16.70 17.68
C ALA B 360 -12.81 -17.36 16.44
N HIS B 361 -13.80 -18.23 16.63
CA HIS B 361 -14.45 -18.85 15.49
C HIS B 361 -15.19 -17.79 14.67
N LEU B 362 -15.82 -16.82 15.33
CA LEU B 362 -16.60 -15.82 14.62
C LEU B 362 -15.71 -14.94 13.76
N MET B 363 -14.56 -14.53 14.28
CA MET B 363 -13.63 -13.75 13.47
C MET B 363 -13.13 -14.54 12.26
N ARG B 364 -12.98 -15.86 12.39
CA ARG B 364 -12.58 -16.64 11.21
C ARG B 364 -13.74 -16.84 10.25
N SER B 365 -14.98 -16.84 10.77
CA SER B 365 -16.15 -16.89 9.89
C SER B 365 -16.30 -15.59 9.11
N TRP B 366 -16.03 -14.45 9.75
CA TRP B 366 -16.01 -13.17 9.04
C TRP B 366 -14.91 -13.16 7.97
N THR B 367 -13.70 -13.63 8.30
CA THR B 367 -12.64 -13.62 7.31
C THR B 367 -12.93 -14.59 6.18
N GLY B 368 -13.57 -15.72 6.49
CA GLY B 368 -14.03 -16.61 5.44
C GLY B 368 -14.97 -15.94 4.45
N ALA B 369 -15.95 -15.20 4.97
CA ALA B 369 -16.88 -14.47 4.10
C ALA B 369 -16.13 -13.53 3.19
N LEU B 370 -15.21 -12.75 3.75
CA LEU B 370 -14.40 -11.84 2.95
C LEU B 370 -13.64 -12.60 1.89
N ARG B 371 -13.13 -13.78 2.24
CA ARG B 371 -12.33 -14.52 1.26
C ARG B 371 -13.18 -15.01 0.10
N THR B 372 -14.43 -15.43 0.35
CA THR B 372 -15.22 -15.89 -0.79
C THR B 372 -15.55 -14.73 -1.72
N VAL B 373 -15.92 -13.57 -1.17
CA VAL B 373 -16.24 -12.42 -2.04
C VAL B 373 -15.04 -12.06 -2.90
N ALA B 374 -13.85 -12.19 -2.36
CA ALA B 374 -12.67 -11.78 -3.09
C ALA B 374 -12.14 -12.90 -3.99
N GLY B 375 -12.75 -14.08 -3.96
CA GLY B 375 -12.19 -15.20 -4.69
C GLY B 375 -10.84 -15.66 -4.18
N THR B 376 -10.59 -15.52 -2.88
CA THR B 376 -9.31 -15.91 -2.27
C THR B 376 -9.52 -16.62 -0.93
S SO4 C . -6.89 5.20 -18.61
O1 SO4 C . -6.72 6.51 -17.98
O2 SO4 C . -5.74 4.36 -18.30
O3 SO4 C . -6.99 5.37 -20.06
O4 SO4 C . -8.11 4.58 -18.12
#